data_6NHK
#
_entry.id   6NHK
#
_cell.length_a   177.263
_cell.length_b   60.102
_cell.length_c   91.699
_cell.angle_alpha   90.00
_cell.angle_beta   97.56
_cell.angle_gamma   90.00
#
_symmetry.space_group_name_H-M   'C 1 2 1'
#
loop_
_entity.id
_entity.type
_entity.pdbx_description
1 polymer 'Stress-70 protein, mitochondrial'
2 non-polymer "ADENOSINE-5'-DIPHOSPHATE"
3 non-polymer 'PHOSPHATE ION'
4 non-polymer 'MAGNESIUM ION'
5 non-polymer GLYCEROL
6 water water
#
_entity_poly.entity_id   1
_entity_poly.type   'polypeptide(L)'
_entity_poly.pdbx_seq_one_letter_code
;GAMGSKGAVVGIDLGTTNSCVAVMEGKQAKVLENAEGARTTPSVVAFTADGERLVGMPAKRQAVTNPNNTFYATKRLIGR
RYDDPEVQKDIKNVPFKIVRASNGDAWVEAHGKLYSPSQIGAFVLMKMKETAENYLGHTAKNAVITVPAYFNDSQRQATK
DAGQISGLNVLRVINEPTAAALAYGLDKSEDKVIAVYDLGGGTFDISILEIQKGVFEVKSTNGDTFLGGEDFDQALLRHI
VKEFKRETGVDLTKDNMALQRVREAAEKAKCELSSSVQTDINLPYLTMDSSGPKHLNMKLTRAQFEGIVTDLIRRTIAPC
QKAMQDAEVSKSDIGEVILVGGMTRMPKVQQTVQDLFGRAPSKAVNPDEAVAIGAAIQGGVLA
;
_entity_poly.pdbx_strand_id   A,B
#
# COMPACT_ATOMS: atom_id res chain seq x y z
N ALA A 8 16.08 -41.62 -16.11
CA ALA A 8 16.23 -40.21 -15.76
C ALA A 8 15.06 -39.77 -14.96
N VAL A 9 15.29 -38.91 -13.99
CA VAL A 9 14.25 -38.61 -12.99
C VAL A 9 13.86 -37.15 -12.95
N VAL A 10 12.55 -36.88 -12.96
CA VAL A 10 12.08 -35.51 -13.02
C VAL A 10 11.61 -35.07 -11.63
N GLY A 11 11.74 -33.78 -11.36
CA GLY A 11 11.21 -33.20 -10.15
C GLY A 11 9.87 -32.53 -10.43
N ILE A 12 8.92 -32.74 -9.54
CA ILE A 12 7.55 -32.27 -9.75
C ILE A 12 7.08 -31.56 -8.49
N ASP A 13 6.71 -30.29 -8.63
CA ASP A 13 6.06 -29.54 -7.56
C ASP A 13 4.54 -29.63 -7.76
N LEU A 14 3.87 -30.41 -6.91
CA LEU A 14 2.43 -30.57 -7.00
C LEU A 14 1.80 -29.54 -6.05
N GLY A 15 1.58 -28.33 -6.58
CA GLY A 15 1.07 -27.25 -5.76
C GLY A 15 -0.44 -27.26 -5.63
N THR A 16 -0.92 -26.54 -4.62
CA THR A 16 -2.36 -26.42 -4.40
C THR A 16 -3.04 -25.69 -5.55
N THR A 17 -2.36 -24.73 -6.17
CA THR A 17 -2.90 -23.95 -7.28
C THR A 17 -2.26 -24.31 -8.61
N ASN A 18 -0.94 -24.22 -8.73
CA ASN A 18 -0.23 -24.52 -9.97
C ASN A 18 0.89 -25.51 -9.71
N SER A 19 1.03 -26.48 -10.60
CA SER A 19 2.09 -27.47 -10.55
C SER A 19 3.19 -27.14 -11.55
N CYS A 20 4.38 -27.67 -11.29
CA CYS A 20 5.54 -27.38 -12.12
C CYS A 20 6.45 -28.61 -12.14
N VAL A 21 6.97 -28.94 -13.32
CA VAL A 21 7.84 -30.08 -13.51
C VAL A 21 9.20 -29.59 -14.01
N ALA A 22 10.26 -30.17 -13.47
CA ALA A 22 11.62 -29.84 -13.86
C ALA A 22 12.48 -31.09 -13.84
N VAL A 23 13.49 -31.10 -14.70
CA VAL A 23 14.43 -32.22 -14.80
C VAL A 23 15.84 -31.67 -14.94
N MET A 24 16.78 -32.27 -14.23
CA MET A 24 18.16 -31.82 -14.30
C MET A 24 18.75 -32.11 -15.68
N GLU A 25 19.42 -31.11 -16.24
CA GLU A 25 20.04 -31.21 -17.56
C GLU A 25 21.53 -30.93 -17.40
N GLY A 26 22.27 -31.95 -16.97
CA GLY A 26 23.68 -31.80 -16.66
C GLY A 26 23.88 -31.19 -15.29
N LYS A 27 24.52 -30.02 -15.23
CA LYS A 27 24.68 -29.27 -13.99
C LYS A 27 23.70 -28.10 -13.90
N GLN A 28 22.91 -27.86 -14.94
CA GLN A 28 21.95 -26.78 -14.97
C GLN A 28 20.54 -27.34 -14.93
N ALA A 29 19.68 -26.76 -14.10
CA ALA A 29 18.29 -27.18 -14.02
C ALA A 29 17.54 -26.75 -15.29
N LYS A 30 16.39 -27.39 -15.51
CA LYS A 30 15.59 -27.12 -16.70
C LYS A 30 14.11 -27.26 -16.34
N VAL A 31 13.37 -26.16 -16.45
CA VAL A 31 11.93 -26.16 -16.27
C VAL A 31 11.28 -26.49 -17.62
N LEU A 32 10.35 -27.42 -17.61
CA LEU A 32 9.73 -27.92 -18.84
C LEU A 32 8.41 -27.21 -19.10
N GLU A 33 8.22 -26.79 -20.36
CA GLU A 33 6.96 -26.19 -20.80
C GLU A 33 5.97 -27.28 -21.20
N ASN A 34 4.71 -27.09 -20.83
CA ASN A 34 3.68 -28.08 -21.13
C ASN A 34 3.27 -27.96 -22.59
N ALA A 35 2.13 -28.59 -22.94
CA ALA A 35 1.64 -28.54 -24.31
C ALA A 35 1.18 -27.13 -24.69
N GLU A 36 0.66 -26.37 -23.72
CA GLU A 36 0.20 -25.01 -23.96
C GLU A 36 1.32 -23.98 -23.90
N GLY A 37 2.57 -24.42 -23.81
CA GLY A 37 3.70 -23.52 -23.74
C GLY A 37 3.95 -22.89 -22.38
N ALA A 38 3.17 -23.25 -21.36
CA ALA A 38 3.33 -22.67 -20.04
C ALA A 38 4.35 -23.46 -19.23
N ARG A 39 5.14 -22.75 -18.42
CA ARG A 39 6.09 -23.40 -17.54
C ARG A 39 5.46 -23.87 -16.24
N THR A 40 4.19 -23.54 -15.99
CA THR A 40 3.44 -24.05 -14.87
C THR A 40 2.08 -24.52 -15.36
N THR A 41 1.52 -25.51 -14.68
CA THR A 41 0.23 -26.08 -15.05
C THR A 41 -0.74 -25.93 -13.89
N PRO A 42 -1.92 -25.33 -14.11
CA PRO A 42 -2.90 -25.21 -13.03
C PRO A 42 -3.34 -26.58 -12.53
N SER A 43 -3.28 -26.75 -11.21
CA SER A 43 -3.64 -28.02 -10.56
C SER A 43 -5.16 -28.16 -10.47
N VAL A 44 -5.81 -28.06 -11.63
CA VAL A 44 -7.27 -28.07 -11.73
C VAL A 44 -7.68 -29.15 -12.72
N VAL A 45 -8.61 -29.99 -12.30
CA VAL A 45 -9.14 -31.07 -13.14
C VAL A 45 -10.65 -30.85 -13.29
N ALA A 46 -11.15 -31.06 -14.51
CA ALA A 46 -12.56 -30.89 -14.80
C ALA A 46 -13.01 -31.96 -15.79
N PHE A 47 -14.31 -32.25 -15.77
CA PHE A 47 -14.91 -33.23 -16.66
C PHE A 47 -16.02 -32.55 -17.44
N THR A 48 -15.90 -32.55 -18.77
CA THR A 48 -16.85 -31.86 -19.62
C THR A 48 -18.23 -32.49 -19.53
N ALA A 49 -19.24 -31.71 -19.94
CA ALA A 49 -20.57 -32.29 -20.13
C ALA A 49 -20.55 -33.35 -21.22
N ASP A 50 -19.66 -33.20 -22.20
CA ASP A 50 -19.48 -34.25 -23.21
C ASP A 50 -18.92 -35.52 -22.60
N GLY A 51 -18.14 -35.40 -21.53
CA GLY A 51 -17.57 -36.54 -20.85
C GLY A 51 -16.05 -36.55 -20.79
N GLU A 52 -15.39 -35.70 -21.55
CA GLU A 52 -13.93 -35.66 -21.55
C GLU A 52 -13.41 -35.13 -20.21
N ARG A 53 -12.10 -35.27 -20.02
CA ARG A 53 -11.43 -34.86 -18.78
C ARG A 53 -10.39 -33.80 -19.11
N LEU A 54 -10.51 -32.64 -18.46
CA LEU A 54 -9.65 -31.49 -18.72
C LEU A 54 -8.67 -31.31 -17.58
N VAL A 55 -7.41 -31.06 -17.93
CA VAL A 55 -6.34 -30.89 -16.94
C VAL A 55 -5.53 -29.65 -17.34
N GLY A 56 -5.29 -28.78 -16.37
CA GLY A 56 -4.45 -27.60 -16.59
C GLY A 56 -5.23 -26.36 -16.95
N MET A 57 -4.64 -25.52 -17.80
CA MET A 57 -5.32 -24.30 -18.22
C MET A 57 -6.64 -24.54 -18.92
N PRO A 58 -6.81 -25.57 -19.77
CA PRO A 58 -8.16 -25.83 -20.33
C PRO A 58 -9.24 -26.02 -19.27
N ALA A 59 -8.87 -26.46 -18.06
CA ALA A 59 -9.82 -26.57 -16.97
C ALA A 59 -9.96 -25.29 -16.17
N LYS A 60 -8.89 -24.48 -16.11
CA LYS A 60 -8.94 -23.25 -15.35
C LYS A 60 -9.86 -22.22 -15.99
N ARG A 61 -9.85 -22.13 -17.33
CA ARG A 61 -10.72 -21.22 -18.07
C ARG A 61 -12.19 -21.60 -18.02
N GLN A 62 -12.53 -22.63 -17.25
CA GLN A 62 -13.93 -23.03 -17.10
C GLN A 62 -14.47 -23.08 -15.67
N ALA A 63 -13.66 -22.68 -14.69
CA ALA A 63 -14.01 -22.90 -13.30
C ALA A 63 -15.31 -22.22 -12.91
N VAL A 64 -15.52 -20.98 -13.39
CA VAL A 64 -16.70 -20.24 -12.97
C VAL A 64 -17.94 -20.66 -13.76
N THR A 65 -17.78 -21.03 -15.03
CA THR A 65 -18.93 -21.42 -15.85
C THR A 65 -19.45 -22.81 -15.47
N ASN A 66 -18.54 -23.75 -15.20
CA ASN A 66 -18.89 -25.12 -14.82
C ASN A 66 -18.31 -25.41 -13.44
N PRO A 67 -18.90 -24.83 -12.38
CA PRO A 67 -18.31 -25.00 -11.05
C PRO A 67 -18.51 -26.38 -10.44
N ASN A 68 -19.54 -27.11 -10.86
CA ASN A 68 -19.79 -28.44 -10.30
C ASN A 68 -18.69 -29.42 -10.70
N ASN A 69 -18.46 -29.56 -12.01
CA ASN A 69 -17.57 -30.61 -12.47
C ASN A 69 -16.13 -30.14 -12.56
N THR A 70 -15.75 -29.20 -11.69
CA THR A 70 -14.39 -28.67 -11.67
C THR A 70 -13.82 -28.83 -10.26
N PHE A 71 -12.68 -29.50 -10.16
CA PHE A 71 -11.99 -29.72 -8.89
C PHE A 71 -10.71 -28.89 -8.87
N TYR A 72 -10.54 -28.12 -7.80
CA TYR A 72 -9.37 -27.28 -7.61
C TYR A 72 -9.00 -27.24 -6.13
N ALA A 73 -7.72 -26.95 -5.88
CA ALA A 73 -7.19 -26.85 -4.51
C ALA A 73 -7.48 -28.11 -3.71
N THR A 74 -7.50 -29.27 -4.38
CA THR A 74 -7.72 -30.53 -3.70
C THR A 74 -6.56 -30.92 -2.78
N LYS A 75 -5.44 -30.18 -2.84
CA LYS A 75 -4.31 -30.48 -1.98
C LYS A 75 -4.66 -30.28 -0.50
N ARG A 76 -5.61 -29.39 -0.21
CA ARG A 76 -6.10 -29.26 1.16
C ARG A 76 -6.92 -30.45 1.61
N LEU A 77 -7.32 -31.33 0.69
CA LEU A 77 -8.11 -32.51 1.03
C LEU A 77 -7.30 -33.79 1.06
N ILE A 78 -6.11 -33.80 0.47
CA ILE A 78 -5.35 -35.04 0.33
C ILE A 78 -4.84 -35.49 1.68
N GLY A 79 -4.87 -36.80 1.91
CA GLY A 79 -4.41 -37.36 3.17
C GLY A 79 -5.14 -36.86 4.39
N ARG A 80 -6.38 -36.40 4.22
CA ARG A 80 -7.15 -35.84 5.32
C ARG A 80 -8.50 -36.55 5.43
N ARG A 81 -8.90 -36.84 6.66
CA ARG A 81 -10.22 -37.42 6.91
C ARG A 81 -11.31 -36.37 6.73
N TYR A 82 -12.53 -36.85 6.48
CA TYR A 82 -13.65 -35.94 6.27
C TYR A 82 -13.94 -35.11 7.52
N ASP A 83 -13.66 -35.65 8.70
CA ASP A 83 -13.88 -34.96 9.96
C ASP A 83 -12.71 -34.07 10.36
N ASP A 84 -11.83 -33.71 9.41
CA ASP A 84 -10.72 -32.80 9.67
C ASP A 84 -11.20 -31.35 9.63
N PRO A 85 -10.81 -30.55 10.62
CA PRO A 85 -11.11 -29.11 10.55
C PRO A 85 -10.78 -28.47 9.21
N GLU A 86 -9.60 -28.78 8.65
CA GLU A 86 -9.22 -28.20 7.37
C GLU A 86 -10.18 -28.61 6.26
N VAL A 87 -10.72 -29.84 6.31
CA VAL A 87 -11.68 -30.25 5.30
C VAL A 87 -13.01 -29.53 5.50
N GLN A 88 -13.40 -29.25 6.74
CA GLN A 88 -14.65 -28.56 6.99
C GLN A 88 -14.58 -27.11 6.51
N LYS A 89 -13.47 -26.41 6.82
CA LYS A 89 -13.32 -25.05 6.35
C LYS A 89 -13.23 -25.00 4.83
N ASP A 90 -12.51 -25.94 4.22
CA ASP A 90 -12.44 -26.00 2.77
C ASP A 90 -13.76 -26.42 2.14
N ILE A 91 -14.62 -27.13 2.89
CA ILE A 91 -15.91 -27.53 2.34
C ILE A 91 -16.82 -26.32 2.17
N LYS A 92 -16.67 -25.31 3.03
CA LYS A 92 -17.48 -24.10 2.95
C LYS A 92 -17.05 -23.17 1.82
N ASN A 93 -15.85 -23.36 1.27
CA ASN A 93 -15.28 -22.42 0.31
C ASN A 93 -15.22 -22.99 -1.11
N VAL A 94 -16.00 -24.02 -1.42
CA VAL A 94 -15.90 -24.67 -2.73
C VAL A 94 -17.29 -24.84 -3.35
N PRO A 95 -17.41 -24.79 -4.67
CA PRO A 95 -18.71 -25.08 -5.31
C PRO A 95 -18.91 -26.54 -5.66
N PHE A 96 -17.87 -27.37 -5.57
CA PHE A 96 -18.00 -28.77 -5.93
C PHE A 96 -18.33 -29.61 -4.70
N LYS A 97 -18.75 -30.85 -4.97
CA LYS A 97 -19.18 -31.75 -3.90
C LYS A 97 -17.97 -32.39 -3.23
N ILE A 98 -17.90 -32.26 -1.91
CA ILE A 98 -16.87 -32.90 -1.10
C ILE A 98 -17.58 -33.92 -0.23
N VAL A 99 -17.35 -35.20 -0.51
CA VAL A 99 -18.07 -36.28 0.14
C VAL A 99 -17.14 -37.05 1.06
N ARG A 100 -17.74 -37.77 2.01
CA ARG A 100 -16.99 -38.59 2.95
C ARG A 100 -16.73 -39.96 2.36
N ALA A 101 -15.48 -40.42 2.46
CA ALA A 101 -15.12 -41.73 1.93
C ALA A 101 -15.63 -42.84 2.83
N SER A 102 -15.55 -44.07 2.32
CA SER A 102 -15.98 -45.22 3.12
C SER A 102 -15.09 -45.41 4.33
N ASN A 103 -13.80 -45.10 4.20
CA ASN A 103 -12.84 -45.24 5.30
C ASN A 103 -12.70 -43.96 6.12
N GLY A 104 -13.64 -43.04 6.02
CA GLY A 104 -13.58 -41.80 6.76
C GLY A 104 -12.78 -40.69 6.11
N ASP A 105 -12.08 -40.97 5.02
CA ASP A 105 -11.37 -39.91 4.33
C ASP A 105 -12.35 -38.98 3.61
N ALA A 106 -11.78 -37.92 3.02
CA ALA A 106 -12.55 -36.93 2.31
C ALA A 106 -12.36 -37.14 0.81
N TRP A 107 -13.47 -37.38 0.10
CA TRP A 107 -13.46 -37.58 -1.34
C TRP A 107 -14.31 -36.50 -2.02
N VAL A 108 -14.41 -36.59 -3.35
CA VAL A 108 -15.13 -35.62 -4.16
C VAL A 108 -15.97 -36.35 -5.18
N GLU A 109 -17.01 -35.68 -5.65
CA GLU A 109 -17.96 -36.26 -6.61
C GLU A 109 -18.24 -35.28 -7.73
N ALA A 110 -18.29 -35.80 -8.96
CA ALA A 110 -18.60 -35.00 -10.13
C ALA A 110 -19.35 -35.89 -11.12
N HIS A 111 -20.48 -35.37 -11.62
CA HIS A 111 -21.36 -36.14 -12.51
C HIS A 111 -21.82 -37.44 -11.87
N GLY A 112 -21.91 -37.46 -10.55
CA GLY A 112 -22.29 -38.67 -9.81
C GLY A 112 -21.12 -39.54 -9.39
N LYS A 113 -20.17 -39.77 -10.30
CA LYS A 113 -19.02 -40.61 -10.00
C LYS A 113 -18.14 -39.96 -8.95
N LEU A 114 -17.55 -40.80 -8.10
CA LEU A 114 -16.71 -40.33 -7.00
C LEU A 114 -15.24 -40.37 -7.40
N TYR A 115 -14.46 -39.48 -6.80
CA TYR A 115 -13.02 -39.39 -7.03
C TYR A 115 -12.33 -39.14 -5.70
N SER A 116 -11.07 -39.58 -5.62
CA SER A 116 -10.29 -39.37 -4.41
C SER A 116 -9.24 -38.28 -4.62
N PRO A 117 -8.81 -37.61 -3.55
CA PRO A 117 -7.77 -36.58 -3.71
C PRO A 117 -6.49 -37.11 -4.34
N SER A 118 -6.09 -38.34 -4.01
CA SER A 118 -4.95 -38.94 -4.68
C SER A 118 -5.26 -39.20 -6.14
N GLN A 119 -6.51 -39.55 -6.46
CA GLN A 119 -6.88 -39.78 -7.84
C GLN A 119 -6.91 -38.47 -8.63
N ILE A 120 -7.45 -37.41 -8.05
CA ILE A 120 -7.47 -36.12 -8.73
C ILE A 120 -6.05 -35.58 -8.89
N GLY A 121 -5.22 -35.68 -7.84
CA GLY A 121 -3.84 -35.30 -7.95
C GLY A 121 -3.09 -36.09 -9.01
N ALA A 122 -3.49 -37.33 -9.24
CA ALA A 122 -2.86 -38.13 -10.30
C ALA A 122 -3.19 -37.58 -11.68
N PHE A 123 -4.40 -37.05 -11.85
CA PHE A 123 -4.78 -36.45 -13.13
C PHE A 123 -3.87 -35.27 -13.47
N VAL A 124 -3.50 -34.47 -12.47
CA VAL A 124 -2.54 -33.39 -12.69
C VAL A 124 -1.22 -34.02 -13.09
N LEU A 125 -0.71 -34.96 -12.26
CA LEU A 125 0.60 -35.55 -12.49
C LEU A 125 0.68 -36.27 -13.83
N MET A 126 -0.45 -36.71 -14.38
CA MET A 126 -0.44 -37.33 -15.70
C MET A 126 0.01 -36.34 -16.77
N LYS A 127 -0.54 -35.13 -16.74
CA LYS A 127 -0.12 -34.11 -17.70
C LYS A 127 1.31 -33.65 -17.44
N MET A 128 1.73 -33.60 -16.18
CA MET A 128 3.11 -33.23 -15.87
C MET A 128 4.08 -34.27 -16.43
N LYS A 129 3.81 -35.55 -16.20
CA LYS A 129 4.63 -36.59 -16.80
C LYS A 129 4.49 -36.58 -18.32
N GLU A 130 3.30 -36.27 -18.83
CA GLU A 130 3.13 -36.10 -20.27
C GLU A 130 3.98 -34.95 -20.79
N THR A 131 4.08 -33.87 -20.01
CA THR A 131 4.99 -32.79 -20.36
C THR A 131 6.44 -33.27 -20.32
N ALA A 132 6.79 -34.05 -19.30
CA ALA A 132 8.17 -34.54 -19.20
C ALA A 132 8.50 -35.53 -20.31
N GLU A 133 7.54 -36.37 -20.66
CA GLU A 133 7.78 -37.33 -21.71
C GLU A 133 8.06 -36.62 -23.03
N ASN A 134 7.25 -35.61 -23.34
CA ASN A 134 7.42 -34.88 -24.58
C ASN A 134 8.80 -34.27 -24.72
N TYR A 135 9.55 -34.20 -23.62
CA TYR A 135 10.89 -33.64 -23.65
C TYR A 135 11.91 -34.75 -23.75
N LEU A 136 11.95 -35.58 -22.71
CA LEU A 136 12.94 -36.64 -22.61
C LEU A 136 12.79 -37.62 -23.75
N GLY A 137 11.55 -37.87 -24.13
CA GLY A 137 11.24 -38.93 -25.07
C GLY A 137 11.07 -40.21 -24.27
N HIS A 138 10.58 -41.25 -24.93
CA HIS A 138 10.28 -42.50 -24.24
C HIS A 138 9.26 -42.25 -23.12
N THR A 139 9.55 -42.76 -21.93
CA THR A 139 8.64 -42.60 -20.81
C THR A 139 9.32 -42.08 -19.55
N ALA A 140 8.51 -41.46 -18.69
CA ALA A 140 8.95 -40.92 -17.42
C ALA A 140 8.53 -41.88 -16.31
N LYS A 141 9.51 -42.57 -15.73
CA LYS A 141 9.25 -43.56 -14.68
C LYS A 141 9.55 -43.04 -13.29
N ASN A 142 10.71 -42.43 -13.09
CA ASN A 142 11.11 -41.94 -11.78
C ASN A 142 10.74 -40.46 -11.64
N ALA A 143 10.43 -40.07 -10.40
CA ALA A 143 10.02 -38.70 -10.13
C ALA A 143 10.22 -38.37 -8.66
N VAL A 144 10.70 -37.16 -8.39
CA VAL A 144 10.82 -36.63 -7.03
C VAL A 144 9.72 -35.61 -6.84
N ILE A 145 8.81 -35.89 -5.91
CA ILE A 145 7.63 -35.07 -5.66
C ILE A 145 7.80 -34.33 -4.35
N THR A 146 7.32 -33.09 -4.30
CA THR A 146 7.43 -32.25 -3.12
C THR A 146 6.09 -32.17 -2.40
N VAL A 147 6.17 -31.89 -1.10
CA VAL A 147 5.00 -31.71 -0.24
C VAL A 147 5.30 -30.59 0.76
N PRO A 148 4.25 -29.98 1.31
CA PRO A 148 4.48 -29.00 2.39
C PRO A 148 5.13 -29.66 3.60
N ALA A 149 5.87 -28.84 4.36
CA ALA A 149 6.57 -29.36 5.53
C ALA A 149 5.60 -29.87 6.59
N TYR A 150 4.41 -29.28 6.66
CA TYR A 150 3.43 -29.68 7.67
C TYR A 150 2.63 -30.91 7.29
N PHE A 151 2.90 -31.52 6.14
CA PHE A 151 2.19 -32.75 5.76
C PHE A 151 2.53 -33.87 6.73
N ASN A 152 1.51 -34.55 7.23
CA ASN A 152 1.72 -35.67 8.14
C ASN A 152 2.09 -36.92 7.35
N ASP A 153 2.13 -38.07 8.03
CA ASP A 153 2.45 -39.32 7.34
C ASP A 153 1.34 -39.72 6.37
N SER A 154 0.07 -39.57 6.79
CA SER A 154 -1.03 -39.97 5.93
C SER A 154 -1.13 -39.10 4.68
N GLN A 155 -0.74 -37.83 4.78
CA GLN A 155 -0.79 -36.96 3.61
C GLN A 155 0.32 -37.31 2.62
N ARG A 156 1.51 -37.63 3.13
CA ARG A 156 2.63 -37.94 2.24
C ARG A 156 2.40 -39.25 1.49
N GLN A 157 1.77 -40.23 2.14
CA GLN A 157 1.45 -41.48 1.46
C GLN A 157 0.39 -41.24 0.38
N ALA A 158 -0.58 -40.36 0.66
CA ALA A 158 -1.57 -40.02 -0.35
C ALA A 158 -0.94 -39.28 -1.53
N THR A 159 0.10 -38.48 -1.29
CA THR A 159 0.81 -37.85 -2.39
C THR A 159 1.60 -38.88 -3.19
N LYS A 160 2.25 -39.83 -2.51
CA LYS A 160 2.91 -40.93 -3.21
C LYS A 160 1.91 -41.80 -3.96
N ASP A 161 0.67 -41.89 -3.45
CA ASP A 161 -0.37 -42.59 -4.19
C ASP A 161 -0.63 -41.93 -5.53
N ALA A 162 -0.77 -40.60 -5.54
CA ALA A 162 -1.10 -39.88 -6.77
C ALA A 162 -0.03 -40.08 -7.83
N GLY A 163 1.25 -40.07 -7.42
CA GLY A 163 2.31 -40.31 -8.38
C GLY A 163 2.29 -41.70 -8.96
N GLN A 164 2.00 -42.70 -8.12
CA GLN A 164 1.99 -44.08 -8.57
C GLN A 164 0.72 -44.43 -9.35
N ILE A 165 -0.38 -43.70 -9.13
CA ILE A 165 -1.56 -43.92 -9.96
C ILE A 165 -1.32 -43.44 -11.38
N SER A 166 -0.53 -42.38 -11.55
CA SER A 166 -0.18 -41.90 -12.89
C SER A 166 0.90 -42.74 -13.56
N GLY A 167 1.47 -43.72 -12.86
CA GLY A 167 2.52 -44.55 -13.40
C GLY A 167 3.93 -44.12 -13.06
N LEU A 168 4.11 -43.23 -12.09
CA LEU A 168 5.42 -42.74 -11.71
C LEU A 168 5.95 -43.53 -10.51
N ASN A 169 7.28 -43.68 -10.46
CA ASN A 169 7.98 -44.28 -9.33
C ASN A 169 8.51 -43.14 -8.46
N VAL A 170 7.81 -42.86 -7.37
CA VAL A 170 8.19 -41.77 -6.48
C VAL A 170 9.44 -42.18 -5.71
N LEU A 171 10.59 -41.71 -6.16
CA LEU A 171 11.80 -42.04 -5.46
C LEU A 171 11.81 -41.47 -4.08
N ARG A 172 11.60 -40.17 -3.98
CA ARG A 172 11.69 -39.50 -2.70
C ARG A 172 10.59 -38.45 -2.62
N VAL A 173 10.26 -38.06 -1.39
CA VAL A 173 9.23 -37.04 -1.12
C VAL A 173 9.86 -36.06 -0.14
N ILE A 174 10.45 -34.98 -0.66
CA ILE A 174 11.09 -33.98 0.17
C ILE A 174 10.08 -32.90 0.53
N ASN A 175 10.49 -31.94 1.34
CA ASN A 175 9.63 -30.84 1.76
C ASN A 175 9.83 -29.62 0.85
N GLU A 176 8.75 -28.88 0.65
CA GLU A 176 8.79 -27.71 -0.23
C GLU A 176 9.79 -26.65 0.25
N PRO A 177 9.85 -26.26 1.52
CA PRO A 177 10.88 -25.28 1.92
C PRO A 177 12.29 -25.81 1.75
N THR A 178 12.50 -27.11 1.90
CA THR A 178 13.82 -27.68 1.63
C THR A 178 14.11 -27.68 0.13
N ALA A 179 13.09 -27.91 -0.69
CA ALA A 179 13.26 -27.91 -2.14
C ALA A 179 13.74 -26.54 -2.63
N ALA A 180 13.10 -25.47 -2.15
CA ALA A 180 13.51 -24.13 -2.56
C ALA A 180 14.93 -23.81 -2.12
N ALA A 181 15.38 -24.40 -1.01
CA ALA A 181 16.74 -24.17 -0.55
C ALA A 181 17.75 -24.75 -1.54
N LEU A 182 17.45 -25.92 -2.10
CA LEU A 182 18.32 -26.50 -3.12
C LEU A 182 18.33 -25.66 -4.39
N ALA A 183 17.20 -25.02 -4.72
CA ALA A 183 17.15 -24.17 -5.90
C ALA A 183 17.98 -22.90 -5.71
N TYR A 184 18.06 -22.40 -4.48
CA TYR A 184 18.83 -21.20 -4.17
C TYR A 184 20.30 -21.50 -3.90
N GLY A 185 20.74 -22.73 -4.11
CA GLY A 185 22.16 -23.05 -3.95
C GLY A 185 22.68 -23.02 -2.54
N LEU A 186 21.82 -22.81 -1.54
CA LEU A 186 22.26 -22.87 -0.14
C LEU A 186 22.71 -24.26 0.28
N ASP A 187 22.61 -25.24 -0.62
CA ASP A 187 23.06 -26.60 -0.33
C ASP A 187 24.56 -26.67 -0.09
N LYS A 188 25.31 -25.69 -0.59
CA LYS A 188 26.77 -25.69 -0.50
C LYS A 188 27.32 -24.73 0.54
N SER A 189 26.46 -24.07 1.31
CA SER A 189 26.92 -23.12 2.31
C SER A 189 27.45 -23.87 3.54
N GLU A 190 27.96 -23.11 4.51
CA GLU A 190 28.55 -23.70 5.72
C GLU A 190 27.52 -23.77 6.84
N ASP A 191 27.07 -22.61 7.33
CA ASP A 191 26.11 -22.55 8.41
C ASP A 191 25.35 -21.24 8.34
N LYS A 192 24.01 -21.33 8.41
CA LYS A 192 23.16 -20.16 8.33
C LYS A 192 21.75 -20.56 8.74
N VAL A 193 20.99 -19.56 9.22
CA VAL A 193 19.58 -19.72 9.53
C VAL A 193 18.78 -18.98 8.46
N ILE A 194 17.81 -19.68 7.87
CA ILE A 194 17.09 -19.19 6.70
C ILE A 194 15.60 -19.13 7.00
N ALA A 195 14.91 -18.21 6.33
CA ALA A 195 13.45 -18.11 6.37
C ALA A 195 12.90 -18.28 4.97
N VAL A 196 11.90 -19.15 4.84
CA VAL A 196 11.26 -19.43 3.55
C VAL A 196 9.89 -18.77 3.56
N TYR A 197 9.72 -17.76 2.70
CA TYR A 197 8.47 -17.02 2.58
C TYR A 197 7.74 -17.54 1.34
N ASP A 198 6.73 -18.38 1.56
CA ASP A 198 5.99 -19.03 0.48
C ASP A 198 4.56 -18.49 0.47
N LEU A 199 4.32 -17.49 -0.36
CA LEU A 199 2.98 -16.96 -0.60
C LEU A 199 2.57 -17.37 -2.01
N GLY A 200 1.61 -18.29 -2.09
CA GLY A 200 1.24 -18.86 -3.38
C GLY A 200 -0.20 -18.59 -3.79
N GLY A 201 -0.74 -19.46 -4.63
CA GLY A 201 -2.09 -19.22 -5.14
C GLY A 201 -3.17 -19.46 -4.11
N GLY A 202 -2.97 -20.41 -3.22
CA GLY A 202 -4.02 -20.75 -2.26
C GLY A 202 -3.58 -20.84 -0.83
N THR A 203 -2.27 -20.89 -0.58
CA THR A 203 -1.74 -21.07 0.75
C THR A 203 -0.58 -20.11 1.00
N PHE A 204 -0.43 -19.71 2.25
CA PHE A 204 0.75 -18.97 2.71
C PHE A 204 1.52 -19.84 3.69
N ASP A 205 2.82 -19.96 3.47
CA ASP A 205 3.68 -20.80 4.29
C ASP A 205 4.95 -20.05 4.63
N ILE A 206 5.28 -19.99 5.92
CA ILE A 206 6.52 -19.42 6.40
C ILE A 206 7.27 -20.50 7.18
N SER A 207 8.51 -20.78 6.76
CA SER A 207 9.31 -21.83 7.35
C SER A 207 10.70 -21.29 7.66
N ILE A 208 11.26 -21.72 8.79
CA ILE A 208 12.58 -21.31 9.23
C ILE A 208 13.49 -22.55 9.22
N LEU A 209 14.57 -22.48 8.46
CA LEU A 209 15.46 -23.60 8.24
C LEU A 209 16.88 -23.25 8.69
N GLU A 210 17.53 -24.23 9.30
CA GLU A 210 18.92 -24.10 9.73
C GLU A 210 19.79 -25.09 8.97
N ILE A 211 20.89 -24.60 8.40
CA ILE A 211 21.83 -25.44 7.66
C ILE A 211 23.08 -25.60 8.49
N GLN A 212 23.43 -26.84 8.82
CA GLN A 212 24.64 -27.15 9.59
C GLN A 212 25.50 -28.11 8.78
N LYS A 213 26.64 -27.62 8.30
CA LYS A 213 27.62 -28.34 7.49
C LYS A 213 27.04 -28.88 6.19
N GLY A 214 25.87 -28.42 5.77
CA GLY A 214 25.24 -28.88 4.55
C GLY A 214 23.93 -29.62 4.73
N VAL A 215 23.44 -29.80 5.94
CA VAL A 215 22.18 -30.50 6.20
C VAL A 215 21.19 -29.51 6.78
N PHE A 216 19.98 -29.49 6.21
CA PHE A 216 18.94 -28.57 6.62
C PHE A 216 18.15 -29.13 7.80
N GLU A 217 17.47 -28.23 8.51
CA GLU A 217 16.65 -28.61 9.66
C GLU A 217 15.50 -27.64 9.79
N VAL A 218 14.29 -28.17 9.90
CA VAL A 218 13.09 -27.35 10.00
C VAL A 218 12.92 -26.95 11.47
N LYS A 219 13.07 -25.65 11.76
CA LYS A 219 12.95 -25.18 13.13
C LYS A 219 11.51 -24.94 13.52
N SER A 220 10.76 -24.21 12.70
CA SER A 220 9.37 -23.89 12.99
C SER A 220 8.58 -23.80 11.70
N THR A 221 7.26 -23.83 11.83
CA THR A 221 6.35 -23.78 10.70
C THR A 221 5.08 -23.06 11.10
N ASN A 222 4.67 -22.11 10.27
CA ASN A 222 3.43 -21.37 10.50
C ASN A 222 2.92 -20.87 9.15
N GLY A 223 1.90 -20.03 9.19
CA GLY A 223 1.29 -19.47 8.01
C GLY A 223 -0.22 -19.66 8.03
N ASP A 224 -0.85 -19.31 6.91
CA ASP A 224 -2.29 -19.46 6.73
C ASP A 224 -2.54 -20.29 5.48
N THR A 225 -3.28 -21.38 5.63
CA THR A 225 -3.57 -22.28 4.52
C THR A 225 -4.76 -21.82 3.69
N PHE A 226 -5.41 -20.71 4.06
CA PHE A 226 -6.48 -20.13 3.28
C PHE A 226 -6.18 -18.67 2.94
N LEU A 227 -4.91 -18.35 2.74
CA LEU A 227 -4.47 -17.00 2.39
C LEU A 227 -3.47 -17.13 1.24
N GLY A 228 -3.96 -16.95 0.01
CA GLY A 228 -3.12 -17.06 -1.16
C GLY A 228 -3.51 -16.14 -2.30
N GLY A 229 -2.87 -16.33 -3.46
CA GLY A 229 -3.11 -15.48 -4.61
C GLY A 229 -4.54 -15.51 -5.10
N GLU A 230 -5.28 -16.59 -4.81
CA GLU A 230 -6.69 -16.65 -5.19
C GLU A 230 -7.49 -15.55 -4.51
N ASP A 231 -7.12 -15.17 -3.29
CA ASP A 231 -7.82 -14.12 -2.58
C ASP A 231 -7.50 -12.74 -3.15
N PHE A 232 -6.28 -12.55 -3.65
CA PHE A 232 -5.96 -11.32 -4.38
C PHE A 232 -6.81 -11.19 -5.64
N ASP A 233 -7.00 -12.31 -6.35
CA ASP A 233 -7.79 -12.29 -7.57
C ASP A 233 -9.24 -11.89 -7.30
N GLN A 234 -9.85 -12.53 -6.30
CA GLN A 234 -11.27 -12.30 -6.03
C GLN A 234 -11.52 -10.88 -5.52
N ALA A 235 -10.58 -10.32 -4.75
CA ALA A 235 -10.74 -8.96 -4.27
C ALA A 235 -10.77 -7.96 -5.43
N LEU A 236 -9.86 -8.12 -6.39
CA LEU A 236 -9.89 -7.26 -7.57
C LEU A 236 -11.14 -7.52 -8.41
N LEU A 237 -11.53 -8.80 -8.53
CA LEU A 237 -12.76 -9.12 -9.25
C LEU A 237 -13.97 -8.45 -8.61
N ARG A 238 -14.05 -8.51 -7.28
CA ARG A 238 -15.16 -7.85 -6.58
C ARG A 238 -15.12 -6.34 -6.78
N HIS A 239 -13.92 -5.77 -6.84
CA HIS A 239 -13.80 -4.34 -7.09
C HIS A 239 -14.18 -3.98 -8.52
N ILE A 240 -13.74 -4.79 -9.49
CA ILE A 240 -14.04 -4.51 -10.89
C ILE A 240 -15.54 -4.62 -11.14
N VAL A 241 -16.18 -5.65 -10.60
CA VAL A 241 -17.62 -5.82 -10.77
C VAL A 241 -18.37 -4.64 -10.15
N LYS A 242 -17.87 -4.10 -9.03
CA LYS A 242 -18.55 -3.00 -8.38
C LYS A 242 -18.46 -1.73 -9.21
N GLU A 243 -17.25 -1.36 -9.66
CA GLU A 243 -17.07 -0.20 -10.51
C GLU A 243 -17.68 -0.38 -11.90
N PHE A 244 -18.19 -1.58 -12.20
CA PHE A 244 -18.93 -1.79 -13.43
C PHE A 244 -20.43 -1.62 -13.24
N LYS A 245 -20.94 -1.84 -12.03
CA LYS A 245 -22.32 -1.52 -11.72
C LYS A 245 -22.51 -0.01 -11.51
N ARG A 246 -21.45 0.69 -11.12
CA ARG A 246 -21.50 2.15 -10.99
C ARG A 246 -21.30 2.86 -12.33
N GLU A 247 -20.90 2.14 -13.37
CA GLU A 247 -20.70 2.71 -14.69
C GLU A 247 -21.65 2.17 -15.74
N THR A 248 -22.07 0.91 -15.63
CA THR A 248 -23.00 0.31 -16.58
C THR A 248 -24.34 -0.07 -15.97
N GLY A 249 -24.46 -0.04 -14.64
CA GLY A 249 -25.69 -0.46 -14.01
C GLY A 249 -25.99 -1.93 -14.12
N VAL A 250 -24.98 -2.76 -14.36
CA VAL A 250 -25.14 -4.20 -14.50
C VAL A 250 -24.27 -4.91 -13.48
N ASP A 251 -24.81 -5.95 -12.86
CA ASP A 251 -24.07 -6.78 -11.92
C ASP A 251 -23.60 -8.03 -12.67
N LEU A 252 -22.30 -8.14 -12.90
CA LEU A 252 -21.81 -9.25 -13.70
C LEU A 252 -22.04 -10.62 -13.06
N THR A 253 -22.40 -10.63 -11.78
CA THR A 253 -22.61 -11.92 -11.11
C THR A 253 -23.66 -12.77 -11.78
N LYS A 254 -24.49 -12.19 -12.66
CA LYS A 254 -25.54 -12.92 -13.33
C LYS A 254 -25.09 -13.63 -14.59
N ASP A 255 -23.93 -13.24 -15.12
CA ASP A 255 -23.39 -13.88 -16.32
C ASP A 255 -22.12 -14.64 -15.97
N ASN A 256 -22.22 -15.95 -15.89
CA ASN A 256 -21.08 -16.75 -15.48
C ASN A 256 -19.94 -16.61 -16.46
N MET A 257 -20.26 -16.62 -17.75
CA MET A 257 -19.22 -16.47 -18.75
C MET A 257 -18.57 -15.12 -18.61
N ALA A 258 -19.35 -14.11 -18.29
CA ALA A 258 -18.80 -12.78 -18.06
C ALA A 258 -17.88 -12.81 -16.86
N LEU A 259 -18.30 -13.49 -15.80
CA LEU A 259 -17.49 -13.59 -14.60
C LEU A 259 -16.21 -14.36 -14.88
N GLN A 260 -16.32 -15.41 -15.67
CA GLN A 260 -15.18 -16.24 -15.96
C GLN A 260 -14.15 -15.38 -16.66
N ARG A 261 -14.61 -14.53 -17.55
CA ARG A 261 -13.74 -13.62 -18.26
C ARG A 261 -13.11 -12.66 -17.27
N VAL A 262 -13.91 -12.19 -16.32
CA VAL A 262 -13.43 -11.21 -15.37
C VAL A 262 -12.32 -11.74 -14.48
N ARG A 263 -12.47 -12.96 -13.99
CA ARG A 263 -11.47 -13.55 -13.12
C ARG A 263 -10.16 -13.66 -13.88
N GLU A 264 -10.26 -14.07 -15.13
CA GLU A 264 -9.09 -14.24 -15.96
C GLU A 264 -8.39 -12.91 -16.16
N ALA A 265 -9.17 -11.85 -16.33
CA ALA A 265 -8.63 -10.53 -16.62
C ALA A 265 -8.09 -9.88 -15.35
N ALA A 266 -8.68 -10.21 -14.22
CA ALA A 266 -8.25 -9.68 -12.93
C ALA A 266 -6.88 -10.22 -12.55
N GLU A 267 -6.67 -11.51 -12.67
CA GLU A 267 -5.39 -12.09 -12.36
C GLU A 267 -4.31 -11.59 -13.26
N LYS A 268 -4.61 -11.45 -14.54
CA LYS A 268 -3.63 -10.90 -15.47
C LYS A 268 -3.27 -9.47 -15.10
N ALA A 269 -4.24 -8.69 -14.62
CA ALA A 269 -3.96 -7.33 -14.18
C ALA A 269 -2.99 -7.32 -13.00
N LYS A 270 -3.22 -8.22 -12.03
CA LYS A 270 -2.32 -8.32 -10.88
C LYS A 270 -0.91 -8.72 -11.31
N CYS A 271 -0.80 -9.62 -12.30
CA CYS A 271 0.52 -10.07 -12.72
C CYS A 271 1.29 -8.97 -13.42
N GLU A 272 0.60 -8.16 -14.24
CA GLU A 272 1.27 -7.06 -14.92
C GLU A 272 1.74 -5.99 -13.95
N LEU A 273 1.00 -5.78 -12.86
CA LEU A 273 1.32 -4.74 -11.89
C LEU A 273 2.58 -5.05 -11.08
N SER A 274 3.17 -6.23 -11.22
CA SER A 274 4.39 -6.54 -10.52
C SER A 274 5.62 -5.98 -11.22
N SER A 275 5.50 -5.60 -12.50
CA SER A 275 6.59 -4.99 -13.24
C SER A 275 6.18 -3.71 -13.95
N SER A 276 4.92 -3.30 -13.83
CA SER A 276 4.41 -2.08 -14.46
C SER A 276 3.41 -1.44 -13.50
N VAL A 277 3.48 -0.11 -13.39
CA VAL A 277 2.63 0.60 -12.43
C VAL A 277 1.22 0.84 -12.92
N GLN A 278 0.93 0.57 -14.19
CA GLN A 278 -0.39 0.78 -14.74
C GLN A 278 -0.67 -0.23 -15.84
N THR A 279 -1.93 -0.66 -15.94
CA THR A 279 -2.35 -1.58 -16.97
C THR A 279 -3.83 -1.37 -17.24
N ASP A 280 -4.24 -1.61 -18.49
CA ASP A 280 -5.61 -1.44 -18.91
C ASP A 280 -6.30 -2.79 -19.05
N ILE A 281 -7.56 -2.85 -18.61
CA ILE A 281 -8.40 -4.03 -18.75
C ILE A 281 -9.49 -3.71 -19.76
N ASN A 282 -9.39 -4.29 -20.94
CA ASN A 282 -10.34 -4.05 -22.03
C ASN A 282 -11.05 -5.36 -22.34
N LEU A 283 -12.31 -5.47 -21.94
CA LEU A 283 -13.10 -6.65 -22.27
C LEU A 283 -14.22 -6.32 -23.24
N PRO A 284 -13.92 -6.39 -24.53
CA PRO A 284 -14.90 -6.02 -25.57
C PRO A 284 -16.07 -6.99 -25.62
N TYR A 285 -17.29 -6.45 -25.68
CA TYR A 285 -18.48 -7.27 -25.79
C TYR A 285 -18.58 -8.26 -24.63
N LEU A 286 -18.63 -7.73 -23.41
CA LEU A 286 -18.67 -8.56 -22.22
C LEU A 286 -20.09 -9.07 -21.96
N THR A 287 -21.04 -8.17 -21.73
CA THR A 287 -22.40 -8.53 -21.39
C THR A 287 -23.38 -7.93 -22.40
N MET A 288 -24.53 -8.60 -22.55
CA MET A 288 -25.59 -8.16 -23.44
C MET A 288 -26.69 -7.51 -22.61
N ASP A 289 -26.86 -6.21 -22.77
CA ASP A 289 -27.89 -5.44 -22.09
C ASP A 289 -29.10 -5.28 -23.01
N SER A 290 -30.22 -4.87 -22.41
CA SER A 290 -31.39 -4.53 -23.22
C SER A 290 -31.12 -3.30 -24.08
N SER A 291 -30.33 -2.35 -23.58
CA SER A 291 -30.03 -1.15 -24.36
C SER A 291 -29.03 -1.43 -25.46
N GLY A 292 -28.07 -2.32 -25.20
CA GLY A 292 -27.06 -2.65 -26.17
C GLY A 292 -25.89 -3.39 -25.55
N PRO A 293 -25.05 -3.98 -26.39
CA PRO A 293 -23.88 -4.73 -25.87
C PRO A 293 -22.91 -3.82 -25.14
N LYS A 294 -22.68 -4.12 -23.87
CA LYS A 294 -21.82 -3.29 -23.03
C LYS A 294 -20.37 -3.76 -23.11
N HIS A 295 -19.47 -2.86 -22.75
CA HIS A 295 -18.04 -3.13 -22.75
C HIS A 295 -17.45 -2.74 -21.40
N LEU A 296 -16.24 -3.21 -21.14
CA LEU A 296 -15.52 -2.93 -19.90
C LEU A 296 -14.12 -2.44 -20.24
N ASN A 297 -13.88 -1.14 -20.03
CA ASN A 297 -12.56 -0.54 -20.19
C ASN A 297 -12.20 0.14 -18.87
N MET A 298 -11.08 -0.28 -18.29
CA MET A 298 -10.74 0.13 -16.94
C MET A 298 -9.24 0.36 -16.82
N LYS A 299 -8.86 1.50 -16.25
CA LYS A 299 -7.47 1.81 -15.96
C LYS A 299 -7.19 1.51 -14.50
N LEU A 300 -6.16 0.72 -14.24
CA LEU A 300 -5.81 0.28 -12.90
C LEU A 300 -4.33 0.55 -12.64
N THR A 301 -4.03 1.14 -11.49
CA THR A 301 -2.67 1.45 -11.11
C THR A 301 -2.19 0.48 -10.04
N ARG A 302 -0.87 0.38 -9.89
CA ARG A 302 -0.29 -0.43 -8.83
C ARG A 302 -0.71 0.09 -7.46
N ALA A 303 -0.86 1.40 -7.31
CA ALA A 303 -1.28 1.96 -6.03
C ALA A 303 -2.73 1.61 -5.73
N GLN A 304 -3.59 1.64 -6.75
CA GLN A 304 -4.97 1.23 -6.55
C GLN A 304 -5.06 -0.21 -6.10
N PHE A 305 -4.22 -1.09 -6.67
CA PHE A 305 -4.28 -2.50 -6.34
C PHE A 305 -3.71 -2.77 -4.95
N GLU A 306 -2.57 -2.15 -4.63
CA GLU A 306 -1.96 -2.38 -3.32
C GLU A 306 -2.91 -2.03 -2.19
N GLY A 307 -3.76 -1.02 -2.37
CA GLY A 307 -4.73 -0.67 -1.34
C GLY A 307 -5.89 -1.63 -1.25
N ILE A 308 -6.25 -2.28 -2.36
CA ILE A 308 -7.34 -3.25 -2.33
C ILE A 308 -6.91 -4.53 -1.62
N VAL A 309 -5.64 -4.90 -1.74
CA VAL A 309 -5.14 -6.16 -1.19
C VAL A 309 -4.13 -5.93 -0.07
N THR A 310 -4.11 -4.72 0.51
CA THR A 310 -3.21 -4.47 1.63
C THR A 310 -3.59 -5.29 2.86
N ASP A 311 -4.87 -5.67 2.96
CA ASP A 311 -5.32 -6.47 4.09
C ASP A 311 -4.70 -7.86 4.06
N LEU A 312 -4.62 -8.46 2.87
CA LEU A 312 -4.08 -9.81 2.76
C LEU A 312 -2.57 -9.83 2.97
N ILE A 313 -1.87 -8.81 2.46
CA ILE A 313 -0.42 -8.74 2.63
C ILE A 313 -0.06 -8.61 4.09
N ARG A 314 -0.82 -7.79 4.84
CA ARG A 314 -0.55 -7.62 6.26
C ARG A 314 -0.86 -8.89 7.05
N ARG A 315 -1.78 -9.72 6.55
CA ARG A 315 -2.18 -10.91 7.28
C ARG A 315 -1.12 -12.00 7.28
N THR A 316 -0.06 -11.86 6.48
CA THR A 316 1.05 -12.80 6.48
C THR A 316 2.15 -12.41 7.45
N ILE A 317 1.97 -11.32 8.20
CA ILE A 317 3.03 -10.80 9.06
C ILE A 317 3.06 -11.48 10.43
N ALA A 318 1.88 -11.71 11.02
CA ALA A 318 1.83 -12.36 12.32
C ALA A 318 2.35 -13.79 12.29
N PRO A 319 2.04 -14.61 11.27
CA PRO A 319 2.58 -15.97 11.26
C PRO A 319 4.09 -16.01 11.08
N CYS A 320 4.67 -14.98 10.48
CA CYS A 320 6.13 -14.95 10.31
C CYS A 320 6.82 -14.71 11.65
N GLN A 321 6.30 -13.78 12.46
CA GLN A 321 6.92 -13.51 13.75
C GLN A 321 6.74 -14.66 14.72
N LYS A 322 5.57 -15.31 14.68
CA LYS A 322 5.35 -16.48 15.53
C LYS A 322 6.29 -17.62 15.17
N ALA A 323 6.73 -17.69 13.91
CA ALA A 323 7.68 -18.72 13.52
C ALA A 323 9.06 -18.44 14.09
N MET A 324 9.39 -17.17 14.35
CA MET A 324 10.72 -16.84 14.84
C MET A 324 10.86 -17.08 16.34
N GLN A 325 9.75 -17.02 17.10
CA GLN A 325 9.83 -17.35 18.51
C GLN A 325 9.78 -18.87 18.73
N ASP A 326 9.05 -19.60 17.87
CA ASP A 326 9.09 -21.05 17.93
C ASP A 326 10.42 -21.60 17.44
N ALA A 327 11.14 -20.85 16.61
CA ALA A 327 12.49 -21.20 16.20
C ALA A 327 13.55 -20.57 17.10
N GLU A 328 13.14 -19.70 18.01
CA GLU A 328 14.07 -19.04 18.92
C GLU A 328 15.14 -18.22 18.19
N VAL A 329 14.71 -17.52 17.14
CA VAL A 329 15.60 -16.70 16.32
C VAL A 329 15.03 -15.29 16.27
N SER A 330 15.87 -14.36 15.83
CA SER A 330 15.49 -12.95 15.71
C SER A 330 15.84 -12.46 14.31
N LYS A 331 15.65 -11.16 14.09
CA LYS A 331 15.95 -10.58 12.78
C LYS A 331 17.44 -10.62 12.48
N SER A 332 18.29 -10.52 13.51
CA SER A 332 19.73 -10.55 13.32
C SER A 332 20.31 -11.96 13.33
N ASP A 333 19.46 -12.98 13.49
CA ASP A 333 19.89 -14.37 13.41
C ASP A 333 19.64 -15.00 12.05
N ILE A 334 18.61 -14.54 11.34
CA ILE A 334 18.26 -15.11 10.03
C ILE A 334 19.23 -14.54 8.99
N GLY A 335 20.04 -15.42 8.39
CA GLY A 335 21.08 -14.96 7.49
C GLY A 335 20.60 -14.61 6.10
N GLU A 336 19.51 -15.22 5.65
CA GLU A 336 19.02 -14.95 4.31
C GLU A 336 17.55 -15.35 4.23
N VAL A 337 16.80 -14.62 3.41
CA VAL A 337 15.38 -14.88 3.18
C VAL A 337 15.18 -15.14 1.70
N ILE A 338 14.52 -16.26 1.39
CA ILE A 338 14.21 -16.62 0.02
C ILE A 338 12.70 -16.60 -0.17
N LEU A 339 12.27 -16.32 -1.40
CA LEU A 339 10.86 -16.13 -1.74
C LEU A 339 10.38 -17.25 -2.65
N VAL A 340 9.27 -17.88 -2.29
CA VAL A 340 8.67 -18.94 -3.07
C VAL A 340 7.21 -18.58 -3.33
N GLY A 341 6.70 -19.04 -4.47
CA GLY A 341 5.34 -18.74 -4.87
C GLY A 341 5.25 -17.49 -5.72
N GLY A 342 4.49 -17.57 -6.82
CA GLY A 342 4.42 -16.46 -7.75
C GLY A 342 3.92 -15.16 -7.15
N MET A 343 3.19 -15.23 -6.03
CA MET A 343 2.67 -14.03 -5.41
C MET A 343 3.77 -13.17 -4.80
N THR A 344 4.92 -13.74 -4.47
CA THR A 344 6.05 -12.97 -3.96
C THR A 344 6.72 -12.14 -5.05
N ARG A 345 6.18 -12.13 -6.27
CA ARG A 345 6.65 -11.19 -7.28
C ARG A 345 6.02 -9.81 -7.14
N MET A 346 4.96 -9.68 -6.34
CA MET A 346 4.34 -8.39 -6.10
C MET A 346 5.29 -7.51 -5.30
N PRO A 347 5.65 -6.32 -5.79
CA PRO A 347 6.67 -5.51 -5.09
C PRO A 347 6.29 -5.12 -3.67
N LYS A 348 5.00 -4.98 -3.37
CA LYS A 348 4.63 -4.62 -2.00
C LYS A 348 4.78 -5.80 -1.06
N VAL A 349 4.47 -7.01 -1.54
CA VAL A 349 4.76 -8.21 -0.76
C VAL A 349 6.26 -8.33 -0.51
N GLN A 350 7.08 -8.02 -1.51
CA GLN A 350 8.52 -8.00 -1.32
C GLN A 350 8.92 -6.95 -0.28
N GLN A 351 8.20 -5.84 -0.24
CA GLN A 351 8.53 -4.79 0.72
C GLN A 351 8.19 -5.21 2.14
N THR A 352 7.09 -5.95 2.31
CA THR A 352 6.76 -6.48 3.63
C THR A 352 7.84 -7.43 4.12
N VAL A 353 8.35 -8.30 3.24
CA VAL A 353 9.37 -9.25 3.63
C VAL A 353 10.65 -8.53 4.05
N GLN A 354 10.98 -7.44 3.34
CA GLN A 354 12.17 -6.67 3.69
C GLN A 354 12.00 -5.97 5.03
N ASP A 355 10.80 -5.45 5.30
CA ASP A 355 10.49 -4.79 6.57
C ASP A 355 10.16 -5.79 7.67
N LEU A 356 10.29 -7.08 7.41
CA LEU A 356 9.95 -8.11 8.38
C LEU A 356 11.15 -8.90 8.88
N PHE A 357 12.21 -9.00 8.08
CA PHE A 357 13.43 -9.69 8.50
C PHE A 357 14.67 -8.81 8.43
N GLY A 358 14.52 -7.53 8.10
CA GLY A 358 15.65 -6.62 8.05
C GLY A 358 16.65 -6.87 6.94
N ARG A 359 16.35 -7.78 6.01
CA ARG A 359 17.26 -8.10 4.92
C ARG A 359 16.56 -7.94 3.58
N ALA A 360 17.35 -7.78 2.53
CA ALA A 360 16.81 -7.76 1.17
C ALA A 360 16.46 -9.18 0.75
N PRO A 361 15.22 -9.46 0.38
CA PRO A 361 14.84 -10.84 0.05
C PRO A 361 15.57 -11.33 -1.20
N SER A 362 15.94 -12.61 -1.20
CA SER A 362 16.67 -13.20 -2.31
C SER A 362 15.72 -13.44 -3.47
N LYS A 363 15.92 -12.71 -4.56
CA LYS A 363 15.11 -12.86 -5.77
C LYS A 363 15.91 -13.55 -6.87
N ALA A 364 16.57 -14.65 -6.50
CA ALA A 364 17.48 -15.34 -7.41
C ALA A 364 16.77 -16.37 -8.29
N VAL A 365 15.79 -17.08 -7.73
CA VAL A 365 15.10 -18.14 -8.45
C VAL A 365 13.65 -17.72 -8.66
N ASN A 366 13.09 -18.15 -9.80
CA ASN A 366 11.67 -17.93 -10.09
C ASN A 366 10.84 -18.51 -8.96
N PRO A 367 10.11 -17.67 -8.21
CA PRO A 367 9.44 -18.16 -7.00
C PRO A 367 8.39 -19.24 -7.28
N ASP A 368 7.76 -19.21 -8.45
CA ASP A 368 6.82 -20.25 -8.84
C ASP A 368 7.50 -21.44 -9.51
N GLU A 369 8.84 -21.46 -9.52
CA GLU A 369 9.59 -22.56 -10.09
C GLU A 369 10.64 -23.09 -9.13
N ALA A 370 10.84 -22.46 -7.97
CA ALA A 370 11.92 -22.84 -7.07
C ALA A 370 11.69 -24.23 -6.48
N VAL A 371 10.45 -24.55 -6.13
CA VAL A 371 10.16 -25.86 -5.54
C VAL A 371 10.45 -26.97 -6.54
N ALA A 372 10.02 -26.79 -7.79
CA ALA A 372 10.24 -27.81 -8.80
C ALA A 372 11.71 -27.94 -9.16
N ILE A 373 12.44 -26.82 -9.19
CA ILE A 373 13.87 -26.88 -9.47
C ILE A 373 14.60 -27.66 -8.39
N GLY A 374 14.25 -27.39 -7.13
CA GLY A 374 14.89 -28.12 -6.03
C GLY A 374 14.59 -29.61 -6.07
N ALA A 375 13.37 -29.98 -6.43
CA ALA A 375 13.05 -31.39 -6.61
C ALA A 375 13.83 -32.00 -7.77
N ALA A 376 14.14 -31.19 -8.78
CA ALA A 376 15.01 -31.67 -9.87
C ALA A 376 16.44 -31.83 -9.39
N ILE A 377 16.88 -31.02 -8.43
CA ILE A 377 18.19 -31.21 -7.82
C ILE A 377 18.25 -32.57 -7.13
N GLN A 378 17.20 -32.90 -6.38
CA GLN A 378 17.15 -34.17 -5.67
C GLN A 378 17.12 -35.34 -6.66
N GLY A 379 16.41 -35.19 -7.78
CA GLY A 379 16.34 -36.27 -8.76
C GLY A 379 17.68 -36.62 -9.34
N GLY A 380 18.43 -35.61 -9.79
CA GLY A 380 19.75 -35.86 -10.36
C GLY A 380 20.70 -36.53 -9.40
N VAL A 381 20.54 -36.26 -8.10
CA VAL A 381 21.41 -36.89 -7.11
C VAL A 381 21.04 -38.36 -6.93
N LEU A 382 19.75 -38.67 -6.89
CA LEU A 382 19.31 -40.05 -6.76
C LEU A 382 19.61 -40.88 -8.01
N ALA A 383 19.97 -40.25 -9.12
CA ALA A 383 20.31 -40.98 -10.34
C ALA A 383 21.68 -41.61 -10.24
N ALA B 8 16.28 5.58 -8.46
CA ALA B 8 15.24 6.60 -8.56
C ALA B 8 14.52 6.77 -7.22
N VAL B 9 14.79 7.88 -6.55
CA VAL B 9 14.25 8.17 -5.23
C VAL B 9 13.56 9.53 -5.28
N VAL B 10 12.41 9.63 -4.60
CA VAL B 10 11.59 10.83 -4.62
C VAL B 10 11.62 11.49 -3.25
N GLY B 11 11.23 12.75 -3.22
CA GLY B 11 11.08 13.50 -1.97
C GLY B 11 9.61 13.75 -1.68
N ILE B 12 9.23 13.61 -0.42
CA ILE B 12 7.84 13.70 -0.01
C ILE B 12 7.75 14.57 1.23
N ASP B 13 6.95 15.63 1.16
CA ASP B 13 6.66 16.49 2.29
C ASP B 13 5.30 16.08 2.86
N LEU B 14 5.32 15.40 4.00
CA LEU B 14 4.08 14.99 4.67
C LEU B 14 3.65 16.13 5.60
N GLY B 15 2.95 17.09 5.01
CA GLY B 15 2.54 18.27 5.75
C GLY B 15 1.30 18.07 6.59
N THR B 16 1.12 18.97 7.55
CA THR B 16 -0.07 18.93 8.40
C THR B 16 -1.34 19.14 7.59
N THR B 17 -1.30 20.06 6.63
CA THR B 17 -2.46 20.39 5.81
C THR B 17 -2.33 19.88 4.39
N ASN B 18 -1.25 20.26 3.68
CA ASN B 18 -1.06 19.90 2.28
C ASN B 18 0.27 19.18 2.13
N SER B 19 0.22 17.97 1.57
CA SER B 19 1.41 17.22 1.25
C SER B 19 1.87 17.52 -0.18
N CYS B 20 3.15 17.30 -0.42
CA CYS B 20 3.75 17.60 -1.72
C CYS B 20 4.83 16.57 -2.02
N VAL B 21 4.86 16.12 -3.27
CA VAL B 21 5.84 15.13 -3.73
C VAL B 21 6.65 15.74 -4.87
N ALA B 22 7.97 15.54 -4.82
CA ALA B 22 8.86 16.02 -5.86
C ALA B 22 9.96 14.99 -6.07
N VAL B 23 10.57 15.05 -7.25
CA VAL B 23 11.62 14.11 -7.63
C VAL B 23 12.73 14.88 -8.34
N MET B 24 13.99 14.59 -7.97
CA MET B 24 15.12 15.26 -8.59
C MET B 24 15.29 14.75 -10.02
N GLU B 25 15.49 15.68 -10.95
CA GLU B 25 15.58 15.33 -12.36
C GLU B 25 16.61 16.19 -13.07
N GLN B 28 17.60 19.81 -12.45
CA GLN B 28 16.72 20.60 -11.60
C GLN B 28 15.50 19.80 -11.16
N ALA B 29 15.11 19.99 -9.91
CA ALA B 29 13.99 19.25 -9.35
C ALA B 29 12.69 19.59 -10.07
N LYS B 30 11.69 18.72 -9.88
CA LYS B 30 10.39 18.87 -10.52
C LYS B 30 9.30 18.44 -9.56
N VAL B 31 8.30 19.29 -9.40
CA VAL B 31 7.14 19.00 -8.56
C VAL B 31 6.14 18.21 -9.38
N LEU B 32 5.53 17.19 -8.77
CA LEU B 32 4.64 16.27 -9.47
C LEU B 32 3.19 16.61 -9.17
N GLU B 33 2.38 16.68 -10.23
CA GLU B 33 0.96 16.99 -10.09
C GLU B 33 0.16 15.70 -9.99
N ASN B 34 -0.87 15.72 -9.15
CA ASN B 34 -1.69 14.54 -8.92
C ASN B 34 -2.75 14.39 -10.01
N ALA B 35 -3.77 13.57 -9.74
CA ALA B 35 -4.80 13.32 -10.75
C ALA B 35 -5.65 14.56 -11.00
N GLU B 36 -5.87 15.38 -9.96
CA GLU B 36 -6.67 16.59 -10.10
C GLU B 36 -5.89 17.75 -10.71
N GLY B 37 -4.64 17.54 -11.13
CA GLY B 37 -3.83 18.58 -11.70
C GLY B 37 -3.12 19.48 -10.71
N ALA B 38 -3.53 19.46 -9.44
CA ALA B 38 -2.89 20.29 -8.43
C ALA B 38 -1.49 19.78 -8.11
N ARG B 39 -0.61 20.70 -7.75
CA ARG B 39 0.76 20.37 -7.38
C ARG B 39 0.92 20.03 -5.91
N THR B 40 -0.12 20.22 -5.11
CA THR B 40 -0.14 19.82 -3.71
C THR B 40 -1.39 19.00 -3.44
N THR B 41 -1.29 18.09 -2.49
CA THR B 41 -2.40 17.22 -2.13
C THR B 41 -2.81 17.45 -0.69
N PRO B 42 -4.09 17.68 -0.41
CA PRO B 42 -4.52 17.90 0.98
C PRO B 42 -4.32 16.64 1.81
N SER B 43 -3.75 16.82 3.00
CA SER B 43 -3.51 15.71 3.94
C SER B 43 -4.75 15.46 4.79
N VAL B 44 -5.83 15.08 4.12
CA VAL B 44 -7.12 14.84 4.76
C VAL B 44 -7.63 13.47 4.34
N VAL B 45 -8.06 12.67 5.32
CA VAL B 45 -8.65 11.36 5.08
C VAL B 45 -10.03 11.34 5.72
N ALA B 46 -11.00 10.77 5.00
CA ALA B 46 -12.38 10.74 5.48
C ALA B 46 -13.04 9.42 5.09
N PHE B 47 -14.12 9.10 5.79
CA PHE B 47 -14.92 7.90 5.54
C PHE B 47 -16.37 8.32 5.41
N THR B 48 -16.96 8.12 4.23
CA THR B 48 -18.31 8.59 3.97
C THR B 48 -19.33 7.79 4.77
N ALA B 49 -20.56 8.33 4.82
CA ALA B 49 -21.66 7.59 5.42
C ALA B 49 -22.04 6.39 4.57
N ASP B 50 -21.80 6.44 3.26
CA ASP B 50 -22.05 5.28 2.41
C ASP B 50 -21.05 4.16 2.67
N GLY B 51 -19.90 4.48 3.25
CA GLY B 51 -18.87 3.49 3.55
C GLY B 51 -17.56 3.68 2.83
N GLU B 52 -17.47 4.60 1.86
CA GLU B 52 -16.23 4.76 1.11
C GLU B 52 -15.18 5.49 1.94
N ARG B 53 -13.96 5.52 1.41
CA ARG B 53 -12.84 6.21 2.04
C ARG B 53 -12.28 7.22 1.06
N LEU B 54 -12.26 8.49 1.47
CA LEU B 54 -11.80 9.59 0.64
C LEU B 54 -10.42 10.06 1.11
N VAL B 55 -9.54 10.35 0.16
CA VAL B 55 -8.20 10.83 0.45
C VAL B 55 -7.89 12.01 -0.46
N GLY B 56 -7.44 13.12 0.13
CA GLY B 56 -7.03 14.28 -0.63
C GLY B 56 -8.13 15.31 -0.79
N MET B 57 -8.13 16.00 -1.93
CA MET B 57 -9.16 17.01 -2.18
C MET B 57 -10.58 16.45 -2.11
N PRO B 58 -10.88 15.24 -2.58
CA PRO B 58 -12.25 14.70 -2.36
C PRO B 58 -12.68 14.71 -0.90
N ALA B 59 -11.76 14.55 0.04
CA ALA B 59 -12.12 14.64 1.45
C ALA B 59 -12.14 16.08 1.94
N LYS B 60 -11.32 16.96 1.35
CA LYS B 60 -11.28 18.35 1.78
C LYS B 60 -12.58 19.07 1.45
N ARG B 61 -13.14 18.84 0.25
CA ARG B 61 -14.43 19.43 -0.15
C ARG B 61 -15.62 18.83 0.58
N GLN B 62 -15.35 17.96 1.55
CA GLN B 62 -16.38 17.24 2.29
C GLN B 62 -16.17 17.35 3.80
N ALA B 63 -15.16 18.10 4.24
CA ALA B 63 -14.80 18.14 5.65
C ALA B 63 -15.90 18.79 6.49
N VAL B 64 -16.46 19.91 6.03
CA VAL B 64 -17.46 20.60 6.83
C VAL B 64 -18.80 19.86 6.81
N THR B 65 -19.12 19.19 5.70
CA THR B 65 -20.37 18.43 5.64
C THR B 65 -20.31 17.20 6.53
N ASN B 66 -19.16 16.53 6.57
CA ASN B 66 -18.97 15.31 7.37
C ASN B 66 -17.85 15.57 8.38
N PRO B 67 -18.13 16.35 9.43
CA PRO B 67 -17.04 16.79 10.32
C PRO B 67 -16.49 15.67 11.19
N ASN B 68 -17.31 14.70 11.58
CA ASN B 68 -16.83 13.63 12.45
C ASN B 68 -15.90 12.69 11.70
N ASN B 69 -16.37 12.10 10.61
CA ASN B 69 -15.62 11.05 9.94
C ASN B 69 -14.60 11.62 8.97
N THR B 70 -14.08 12.83 9.26
CA THR B 70 -13.06 13.47 8.44
C THR B 70 -11.85 13.74 9.33
N PHE B 71 -10.70 13.18 8.95
CA PHE B 71 -9.48 13.27 9.74
C PHE B 71 -8.52 14.23 9.06
N TYR B 72 -8.13 15.27 9.80
CA TYR B 72 -7.19 16.27 9.30
C TYR B 72 -6.27 16.69 10.44
N ALA B 73 -5.10 17.19 10.07
CA ALA B 73 -4.09 17.67 11.02
C ALA B 73 -3.73 16.60 12.06
N THR B 74 -3.75 15.33 11.65
CA THR B 74 -3.32 14.26 12.53
C THR B 74 -1.82 14.30 12.82
N LYS B 75 -1.08 15.19 12.15
CA LYS B 75 0.34 15.35 12.43
C LYS B 75 0.57 15.86 13.84
N ARG B 76 -0.37 16.63 14.39
CA ARG B 76 -0.31 17.00 15.80
C ARG B 76 -0.52 15.80 16.71
N LEU B 77 -1.03 14.68 16.19
CA LEU B 77 -1.23 13.48 16.99
C LEU B 77 -0.17 12.41 16.77
N ILE B 78 0.63 12.53 15.70
CA ILE B 78 1.52 11.44 15.33
C ILE B 78 2.67 11.36 16.33
N GLY B 79 3.06 10.13 16.66
CA GLY B 79 4.10 9.90 17.64
C GLY B 79 3.83 10.43 19.03
N ARG B 80 2.61 10.86 19.34
CA ARG B 80 2.28 11.42 20.64
C ARG B 80 1.38 10.50 21.43
N ARG B 81 1.54 10.51 22.75
CA ARG B 81 0.67 9.75 23.63
C ARG B 81 -0.61 10.53 23.91
N TYR B 82 -1.66 9.79 24.26
CA TYR B 82 -2.96 10.40 24.53
C TYR B 82 -2.88 11.39 25.69
N ASP B 83 -1.95 11.18 26.62
CA ASP B 83 -1.80 12.03 27.78
C ASP B 83 -0.89 13.23 27.54
N ASP B 84 -0.67 13.60 26.27
CA ASP B 84 0.15 14.76 25.95
C ASP B 84 -0.71 16.01 25.95
N PRO B 85 -0.32 17.07 26.68
CA PRO B 85 -1.07 18.33 26.61
C PRO B 85 -1.25 18.86 25.19
N GLU B 86 -0.26 18.68 24.32
CA GLU B 86 -0.41 19.08 22.92
C GLU B 86 -1.50 18.28 22.24
N VAL B 87 -1.72 17.04 22.68
CA VAL B 87 -2.84 16.25 22.17
C VAL B 87 -4.15 16.67 22.82
N GLN B 88 -4.15 16.88 24.13
CA GLN B 88 -5.33 17.38 24.82
C GLN B 88 -5.74 18.75 24.27
N LYS B 89 -4.76 19.60 23.99
CA LYS B 89 -5.03 20.87 23.31
C LYS B 89 -5.66 20.63 21.95
N ASP B 90 -5.26 19.55 21.27
CA ASP B 90 -5.80 19.24 19.94
C ASP B 90 -7.21 18.70 20.03
N ILE B 91 -7.58 18.07 21.15
CA ILE B 91 -8.92 17.50 21.28
C ILE B 91 -9.98 18.58 21.23
N LYS B 92 -9.69 19.77 21.77
CA LYS B 92 -10.68 20.84 21.81
C LYS B 92 -10.82 21.55 20.47
N ASN B 93 -9.78 21.53 19.64
CA ASN B 93 -9.77 22.27 18.38
C ASN B 93 -10.12 21.40 17.18
N VAL B 94 -10.62 20.18 17.40
CA VAL B 94 -11.01 19.31 16.30
C VAL B 94 -12.41 18.77 16.56
N PRO B 95 -13.18 18.39 15.53
CA PRO B 95 -14.49 17.79 15.75
C PRO B 95 -14.51 16.27 15.78
N PHE B 96 -13.43 15.61 15.35
CA PHE B 96 -13.42 14.16 15.25
C PHE B 96 -12.92 13.52 16.54
N LYS B 97 -13.18 12.22 16.66
CA LYS B 97 -12.94 11.51 17.91
C LYS B 97 -11.46 11.13 18.03
N ILE B 98 -10.83 11.56 19.10
CA ILE B 98 -9.46 11.16 19.45
C ILE B 98 -9.58 10.28 20.68
N VAL B 99 -9.32 8.98 20.50
CA VAL B 99 -9.50 8.01 21.57
C VAL B 99 -8.14 7.46 21.98
N ARG B 100 -8.09 6.96 23.22
CA ARG B 100 -6.88 6.36 23.75
C ARG B 100 -6.82 4.89 23.33
N ALA B 101 -5.74 4.51 22.66
CA ALA B 101 -5.58 3.14 22.20
C ALA B 101 -5.37 2.20 23.37
N SER B 102 -5.34 0.90 23.07
CA SER B 102 -5.11 -0.10 24.11
C SER B 102 -3.75 0.09 24.76
N ASN B 103 -2.75 0.48 23.98
CA ASN B 103 -1.42 0.78 24.48
C ASN B 103 -1.27 2.22 24.96
N GLY B 104 -2.38 2.95 25.06
CA GLY B 104 -2.37 4.29 25.61
C GLY B 104 -2.01 5.41 24.66
N ASP B 105 -1.76 5.11 23.39
CA ASP B 105 -1.42 6.15 22.42
C ASP B 105 -2.68 6.91 22.00
N ALA B 106 -2.46 7.98 21.24
CA ALA B 106 -3.54 8.83 20.74
C ALA B 106 -3.91 8.38 19.34
N TRP B 107 -5.09 7.80 19.20
CA TRP B 107 -5.59 7.32 17.92
C TRP B 107 -6.89 8.04 17.57
N VAL B 108 -7.49 7.64 16.45
CA VAL B 108 -8.73 8.25 15.96
C VAL B 108 -9.73 7.16 15.66
N GLU B 109 -11.02 7.51 15.79
CA GLU B 109 -12.12 6.61 15.53
C GLU B 109 -13.06 7.21 14.49
N ALA B 110 -13.52 6.39 13.56
CA ALA B 110 -14.46 6.80 12.53
C ALA B 110 -15.39 5.63 12.25
N HIS B 111 -16.69 5.82 12.52
CA HIS B 111 -17.71 4.78 12.31
C HIS B 111 -17.37 3.49 13.04
N GLY B 112 -16.66 3.59 14.17
CA GLY B 112 -16.31 2.43 14.95
C GLY B 112 -14.86 2.01 14.77
N LYS B 113 -14.41 1.88 13.53
CA LYS B 113 -13.06 1.41 13.26
C LYS B 113 -12.02 2.39 13.77
N LEU B 114 -10.93 1.86 14.30
CA LEU B 114 -9.84 2.66 14.84
C LEU B 114 -8.71 2.79 13.83
N TYR B 115 -7.97 3.90 13.92
CA TYR B 115 -6.87 4.18 13.02
C TYR B 115 -5.76 4.88 13.79
N SER B 116 -4.52 4.52 13.48
CA SER B 116 -3.39 5.18 14.13
C SER B 116 -2.90 6.35 13.29
N PRO B 117 -2.27 7.35 13.91
CA PRO B 117 -1.76 8.48 13.13
C PRO B 117 -0.79 8.09 12.02
N SER B 118 0.01 7.03 12.23
CA SER B 118 0.85 6.54 11.14
C SER B 118 0.02 5.92 10.03
N GLN B 119 -1.13 5.34 10.38
CA GLN B 119 -2.01 4.76 9.35
C GLN B 119 -2.72 5.86 8.58
N ILE B 120 -3.16 6.91 9.27
CA ILE B 120 -3.83 8.02 8.60
C ILE B 120 -2.85 8.73 7.65
N GLY B 121 -1.60 8.90 8.09
CA GLY B 121 -0.60 9.50 7.22
C GLY B 121 -0.23 8.60 6.05
N ALA B 122 -0.34 7.29 6.23
CA ALA B 122 -0.02 6.35 5.15
C ALA B 122 -1.04 6.45 4.02
N PHE B 123 -2.31 6.66 4.37
CA PHE B 123 -3.33 6.90 3.34
C PHE B 123 -2.97 8.09 2.47
N VAL B 124 -2.37 9.12 3.08
CA VAL B 124 -1.87 10.25 2.31
C VAL B 124 -0.68 9.82 1.47
N LEU B 125 0.27 9.11 2.08
CA LEU B 125 1.49 8.71 1.38
C LEU B 125 1.20 7.78 0.20
N MET B 126 0.11 7.00 0.28
CA MET B 126 -0.22 6.13 -0.84
C MET B 126 -0.77 6.92 -2.02
N LYS B 127 -1.55 7.98 -1.75
CA LYS B 127 -1.98 8.87 -2.82
C LYS B 127 -0.81 9.66 -3.39
N MET B 128 0.22 9.92 -2.57
CA MET B 128 1.40 10.61 -3.08
C MET B 128 2.27 9.68 -3.93
N LYS B 129 2.42 8.43 -3.49
CA LYS B 129 3.17 7.46 -4.29
C LYS B 129 2.47 7.19 -5.61
N GLU B 130 1.15 7.24 -5.62
CA GLU B 130 0.39 7.12 -6.86
C GLU B 130 0.68 8.28 -7.80
N THR B 131 0.74 9.49 -7.25
CA THR B 131 1.09 10.66 -8.05
C THR B 131 2.49 10.50 -8.66
N ALA B 132 3.43 9.97 -7.90
CA ALA B 132 4.78 9.78 -8.41
C ALA B 132 4.82 8.67 -9.46
N GLU B 133 4.19 7.52 -9.16
CA GLU B 133 4.26 6.39 -10.08
C GLU B 133 3.40 6.62 -11.32
N ASN B 134 2.34 7.42 -11.22
CA ASN B 134 1.61 7.80 -12.43
C ASN B 134 2.43 8.72 -13.31
N TYR B 135 3.41 9.41 -12.74
CA TYR B 135 4.34 10.23 -13.50
C TYR B 135 5.60 9.44 -13.83
N LEU B 136 6.39 9.12 -12.80
CA LEU B 136 7.59 8.29 -12.99
C LEU B 136 7.15 6.89 -13.39
N GLY B 137 7.61 6.43 -14.55
CA GLY B 137 7.04 5.24 -15.16
C GLY B 137 7.06 4.02 -14.27
N HIS B 138 8.16 3.82 -13.53
CA HIS B 138 8.32 2.58 -12.79
C HIS B 138 8.10 2.83 -11.29
N THR B 139 8.71 1.99 -10.46
CA THR B 139 8.38 1.96 -9.04
C THR B 139 8.96 3.17 -8.31
N ALA B 140 8.18 3.71 -7.38
CA ALA B 140 8.65 4.71 -6.42
C ALA B 140 8.88 4.01 -5.09
N LYS B 141 10.01 3.32 -5.00
CA LYS B 141 10.35 2.54 -3.81
C LYS B 141 11.08 3.38 -2.76
N ASN B 142 12.17 4.03 -3.15
CA ASN B 142 12.93 4.84 -2.21
C ASN B 142 12.32 6.23 -2.09
N ALA B 143 12.37 6.79 -0.89
CA ALA B 143 11.78 8.11 -0.64
C ALA B 143 12.42 8.73 0.59
N VAL B 144 12.53 10.06 0.55
CA VAL B 144 13.01 10.86 1.69
C VAL B 144 11.81 11.62 2.26
N ILE B 145 11.58 11.47 3.56
CA ILE B 145 10.45 12.08 4.23
C ILE B 145 10.95 13.18 5.15
N THR B 146 10.18 14.27 5.25
CA THR B 146 10.54 15.42 6.05
C THR B 146 9.64 15.50 7.29
N VAL B 147 10.19 16.05 8.37
CA VAL B 147 9.42 16.40 9.54
C VAL B 147 9.94 17.66 10.18
N PRO B 148 9.11 18.27 11.01
CA PRO B 148 9.58 19.41 11.80
C PRO B 148 10.78 19.05 12.70
N ALA B 149 11.57 20.09 12.97
CA ALA B 149 12.78 19.92 13.79
C ALA B 149 12.43 19.51 15.22
N TYR B 150 11.29 19.95 15.73
CA TYR B 150 10.89 19.66 17.09
C TYR B 150 10.30 18.27 17.27
N PHE B 151 10.33 17.42 16.23
CA PHE B 151 9.87 16.05 16.37
C PHE B 151 10.86 15.25 17.22
N ASN B 152 10.33 14.39 18.09
CA ASN B 152 11.16 13.64 19.02
C ASN B 152 11.54 12.28 18.43
N ASP B 153 12.09 11.40 19.26
CA ASP B 153 12.46 10.07 18.78
C ASP B 153 11.23 9.26 18.38
N SER B 154 10.15 9.37 19.16
CA SER B 154 8.96 8.59 18.87
C SER B 154 8.23 9.12 17.64
N GLN B 155 8.23 10.45 17.46
CA GLN B 155 7.53 11.03 16.32
C GLN B 155 8.20 10.66 15.00
N ARG B 156 9.54 10.62 14.97
CA ARG B 156 10.22 10.20 13.75
C ARG B 156 10.01 8.72 13.48
N GLN B 157 9.85 7.91 14.53
CA GLN B 157 9.53 6.51 14.32
C GLN B 157 8.11 6.34 13.80
N ALA B 158 7.18 7.17 14.27
CA ALA B 158 5.81 7.11 13.77
C ALA B 158 5.70 7.61 12.34
N THR B 159 6.52 8.60 11.97
CA THR B 159 6.55 9.05 10.59
C THR B 159 7.18 8.01 9.68
N LYS B 160 8.28 7.39 10.13
CA LYS B 160 8.87 6.30 9.36
C LYS B 160 7.92 5.11 9.28
N ASP B 161 7.09 4.92 10.29
CA ASP B 161 6.08 3.87 10.24
C ASP B 161 5.12 4.08 9.08
N ALA B 162 4.66 5.33 8.90
CA ALA B 162 3.70 5.63 7.86
C ALA B 162 4.27 5.33 6.48
N GLY B 163 5.53 5.67 6.25
CA GLY B 163 6.15 5.35 4.96
C GLY B 163 6.29 3.87 4.74
N GLN B 164 6.58 3.12 5.81
CA GLN B 164 6.69 1.66 5.70
C GLN B 164 5.33 1.04 5.39
N ILE B 165 4.26 1.57 5.96
CA ILE B 165 2.93 1.03 5.73
C ILE B 165 2.51 1.22 4.28
N SER B 166 2.92 2.33 3.66
CA SER B 166 2.55 2.61 2.28
C SER B 166 3.32 1.78 1.27
N GLY B 167 4.38 1.09 1.68
CA GLY B 167 5.25 0.41 0.76
C GLY B 167 6.47 1.20 0.34
N LEU B 168 6.74 2.32 0.98
CA LEU B 168 7.91 3.14 0.68
C LEU B 168 9.13 2.64 1.45
N ASN B 169 10.29 2.74 0.81
CA ASN B 169 11.57 2.43 1.44
C ASN B 169 12.17 3.76 1.91
N VAL B 170 12.00 4.06 3.19
CA VAL B 170 12.42 5.35 3.75
C VAL B 170 13.93 5.34 3.96
N LEU B 171 14.65 6.08 3.13
CA LEU B 171 16.10 6.13 3.25
C LEU B 171 16.54 7.04 4.39
N ARG B 172 16.06 8.29 4.40
CA ARG B 172 16.43 9.25 5.43
C ARG B 172 15.23 10.11 5.79
N VAL B 173 15.24 10.61 7.03
CA VAL B 173 14.20 11.49 7.54
C VAL B 173 14.87 12.76 8.03
N ILE B 174 14.78 13.83 7.26
CA ILE B 174 15.45 15.08 7.59
C ILE B 174 14.47 16.03 8.25
N ASN B 175 14.95 17.22 8.63
CA ASN B 175 14.11 18.23 9.24
C ASN B 175 13.47 19.10 8.17
N GLU B 176 12.23 19.53 8.41
CA GLU B 176 11.55 20.38 7.45
C GLU B 176 12.27 21.71 7.22
N PRO B 177 12.78 22.39 8.25
CA PRO B 177 13.54 23.63 7.97
C PRO B 177 14.82 23.37 7.21
N THR B 178 15.46 22.22 7.42
CA THR B 178 16.64 21.87 6.63
C THR B 178 16.27 21.62 5.17
N ALA B 179 15.10 21.03 4.93
CA ALA B 179 14.66 20.77 3.56
C ALA B 179 14.49 22.06 2.79
N ALA B 180 13.82 23.05 3.40
CA ALA B 180 13.64 24.33 2.74
C ALA B 180 14.98 25.03 2.50
N ALA B 181 15.95 24.85 3.41
CA ALA B 181 17.26 25.44 3.19
C ALA B 181 17.95 24.85 1.97
N LEU B 182 17.83 23.52 1.80
CA LEU B 182 18.40 22.89 0.61
C LEU B 182 17.68 23.32 -0.65
N ALA B 183 16.40 23.68 -0.55
CA ALA B 183 15.65 24.13 -1.72
C ALA B 183 16.15 25.47 -2.24
N TYR B 184 16.59 26.35 -1.34
CA TYR B 184 17.13 27.65 -1.75
C TYR B 184 18.59 27.57 -2.16
N GLY B 185 19.18 26.39 -2.19
CA GLY B 185 20.60 26.27 -2.52
C GLY B 185 21.54 26.82 -1.48
N LEU B 186 21.05 27.13 -0.28
CA LEU B 186 21.90 27.67 0.78
C LEU B 186 22.90 26.65 1.30
N ASP B 187 22.77 25.38 0.92
CA ASP B 187 23.77 24.39 1.30
C ASP B 187 25.11 24.67 0.64
N LYS B 188 25.11 25.31 -0.52
CA LYS B 188 26.34 25.66 -1.22
C LYS B 188 26.76 27.10 -0.93
N GLU B 190 27.71 29.59 1.53
CA GLU B 190 28.93 29.14 2.19
C GLU B 190 28.76 29.14 3.71
N ASP B 191 28.60 30.33 4.29
CA ASP B 191 28.46 30.47 5.73
C ASP B 191 27.58 31.67 6.04
N LYS B 192 26.56 31.46 6.88
CA LYS B 192 25.66 32.51 7.31
C LYS B 192 24.77 31.97 8.41
N VAL B 193 24.19 32.88 9.19
CA VAL B 193 23.19 32.55 10.19
C VAL B 193 21.83 32.95 9.64
N ILE B 194 20.88 32.03 9.68
CA ILE B 194 19.58 32.23 9.05
C ILE B 194 18.47 31.76 9.97
N ALA B 195 17.25 32.20 9.66
CA ALA B 195 16.04 31.77 10.35
C ALA B 195 15.04 31.31 9.31
N VAL B 196 14.28 30.27 9.65
CA VAL B 196 13.31 29.66 8.75
C VAL B 196 11.91 30.07 9.20
N TYR B 197 11.19 30.77 8.33
CA TYR B 197 9.86 31.30 8.63
C TYR B 197 8.83 30.45 7.89
N ASP B 198 8.23 29.49 8.60
CA ASP B 198 7.27 28.55 8.02
C ASP B 198 5.89 28.83 8.60
N LEU B 199 5.09 29.58 7.85
CA LEU B 199 3.69 29.83 8.19
C LEU B 199 2.83 29.04 7.20
N GLY B 200 2.34 27.89 7.65
CA GLY B 200 1.59 27.00 6.77
C GLY B 200 0.11 26.98 7.05
N GLY B 201 -0.56 25.87 6.71
CA GLY B 201 -1.99 25.80 6.87
C GLY B 201 -2.45 25.57 8.29
N GLY B 202 -1.61 24.94 9.11
CA GLY B 202 -2.02 24.62 10.46
C GLY B 202 -1.06 25.03 11.57
N THR B 203 0.22 25.16 11.23
CA THR B 203 1.24 25.46 12.22
C THR B 203 2.15 26.57 11.72
N PHE B 204 2.68 27.35 12.66
CA PHE B 204 3.73 28.33 12.40
C PHE B 204 5.02 27.86 13.05
N ASP B 205 6.11 27.88 12.29
CA ASP B 205 7.40 27.39 12.77
C ASP B 205 8.47 28.44 12.50
N ILE B 206 9.22 28.78 13.55
CA ILE B 206 10.37 29.68 13.45
C ILE B 206 11.59 28.91 13.94
N SER B 207 12.51 28.60 13.02
CA SER B 207 13.70 27.84 13.33
C SER B 207 14.93 28.64 12.92
N ILE B 208 15.92 28.70 13.81
CA ILE B 208 17.16 29.44 13.57
C ILE B 208 18.29 28.44 13.36
N LEU B 209 19.03 28.60 12.27
CA LEU B 209 20.05 27.66 11.87
C LEU B 209 21.37 28.38 11.61
N GLU B 210 22.47 27.71 11.93
CA GLU B 210 23.81 28.19 11.65
C GLU B 210 24.46 27.27 10.62
N ILE B 211 25.03 27.86 9.57
CA ILE B 211 25.63 27.11 8.47
C ILE B 211 27.11 27.42 8.47
N GLN B 212 27.93 26.40 8.76
CA GLN B 212 29.39 26.51 8.74
C GLN B 212 29.91 25.50 7.71
N LYS B 213 30.40 26.03 6.58
CA LYS B 213 30.90 25.31 5.41
C LYS B 213 29.89 24.34 4.81
N GLY B 214 28.61 24.49 5.11
CA GLY B 214 27.57 23.67 4.52
C GLY B 214 26.81 22.78 5.47
N VAL B 215 27.21 22.75 6.75
CA VAL B 215 26.58 21.93 7.76
C VAL B 215 25.62 22.79 8.56
N PHE B 216 24.39 22.32 8.74
CA PHE B 216 23.34 23.07 9.40
C PHE B 216 23.13 22.57 10.82
N GLU B 217 22.65 23.46 11.69
CA GLU B 217 22.37 23.12 13.08
C GLU B 217 21.07 23.79 13.50
N VAL B 218 20.39 23.17 14.45
CA VAL B 218 19.13 23.69 14.98
C VAL B 218 19.44 24.39 16.30
N LYS B 219 19.37 25.72 16.29
CA LYS B 219 19.63 26.52 17.48
C LYS B 219 18.40 26.66 18.36
N SER B 220 17.26 27.01 17.76
CA SER B 220 16.04 27.21 18.52
C SER B 220 14.84 26.86 17.64
N THR B 221 13.74 26.51 18.30
CA THR B 221 12.47 26.20 17.65
C THR B 221 11.35 26.84 18.44
N ASN B 222 10.48 27.59 17.75
CA ASN B 222 9.38 28.26 18.41
C ASN B 222 8.24 28.41 17.42
N GLY B 223 7.20 29.14 17.83
CA GLY B 223 5.99 29.29 17.05
C GLY B 223 4.79 28.69 17.77
N ASP B 224 3.64 28.83 17.12
CA ASP B 224 2.39 28.24 17.60
C ASP B 224 1.96 27.18 16.61
N THR B 225 1.86 25.94 17.08
CA THR B 225 1.41 24.83 16.26
C THR B 225 -0.10 24.83 16.06
N PHE B 226 -0.79 25.88 16.50
CA PHE B 226 -2.22 26.07 16.25
C PHE B 226 -2.48 27.43 15.60
N LEU B 227 -1.49 27.93 14.84
CA LEU B 227 -1.58 29.22 14.16
C LEU B 227 -1.17 28.99 12.70
N GLY B 228 -2.15 28.96 11.81
CA GLY B 228 -1.87 28.70 10.41
C GLY B 228 -2.94 29.26 9.51
N GLY B 229 -2.84 28.90 8.23
CA GLY B 229 -3.77 29.39 7.24
C GLY B 229 -5.21 28.98 7.51
N GLU B 230 -5.40 27.84 8.18
CA GLU B 230 -6.75 27.43 8.57
C GLU B 230 -7.41 28.49 9.44
N ASP B 231 -6.64 29.17 10.29
CA ASP B 231 -7.19 30.26 11.09
C ASP B 231 -7.45 31.48 10.24
N PHE B 232 -6.59 31.76 9.27
CA PHE B 232 -6.87 32.83 8.31
C PHE B 232 -8.15 32.54 7.55
N ASP B 233 -8.36 31.28 7.14
CA ASP B 233 -9.60 30.91 6.49
C ASP B 233 -10.79 31.05 7.44
N GLN B 234 -10.58 30.75 8.73
CA GLN B 234 -11.67 30.82 9.69
C GLN B 234 -12.00 32.25 10.09
N ALA B 235 -10.99 33.14 10.12
CA ALA B 235 -11.26 34.54 10.43
C ALA B 235 -12.10 35.18 9.33
N LEU B 236 -11.77 34.92 8.07
CA LEU B 236 -12.57 35.44 6.97
C LEU B 236 -13.96 34.83 6.96
N LEU B 237 -14.06 33.54 7.29
CA LEU B 237 -15.37 32.90 7.36
C LEU B 237 -16.24 33.51 8.45
N ARG B 238 -15.63 33.85 9.59
CA ARG B 238 -16.39 34.44 10.68
C ARG B 238 -16.98 35.79 10.29
N HIS B 239 -16.19 36.62 9.60
CA HIS B 239 -16.70 37.89 9.11
C HIS B 239 -17.78 37.70 8.06
N ILE B 240 -17.63 36.69 7.20
CA ILE B 240 -18.60 36.46 6.14
C ILE B 240 -19.95 36.08 6.72
N VAL B 241 -19.96 35.17 7.69
CA VAL B 241 -21.21 34.75 8.31
C VAL B 241 -21.81 35.88 9.14
N LYS B 242 -20.96 36.68 9.79
CA LYS B 242 -21.46 37.81 10.57
C LYS B 242 -22.11 38.86 9.66
N GLU B 243 -21.38 39.30 8.63
CA GLU B 243 -21.92 40.28 7.69
C GLU B 243 -23.00 39.70 6.78
N PHE B 244 -23.40 38.45 6.98
CA PHE B 244 -24.52 37.85 6.26
C PHE B 244 -25.76 37.71 7.12
N LYS B 245 -25.61 37.43 8.41
CA LYS B 245 -26.74 37.52 9.33
C LYS B 245 -27.05 38.97 9.65
N ARG B 246 -26.05 39.84 9.60
CA ARG B 246 -26.26 41.28 9.78
C ARG B 246 -27.08 41.88 8.65
N GLU B 247 -27.09 41.25 7.48
CA GLU B 247 -27.77 41.78 6.30
C GLU B 247 -29.02 41.02 5.91
N THR B 248 -29.05 39.70 6.07
CA THR B 248 -30.22 38.91 5.72
C THR B 248 -30.90 38.27 6.92
N GLY B 249 -30.30 38.32 8.11
CA GLY B 249 -30.89 37.68 9.26
C GLY B 249 -30.86 36.17 9.21
N VAL B 250 -29.84 35.59 8.57
CA VAL B 250 -29.73 34.15 8.38
C VAL B 250 -28.41 33.68 8.99
N ASP B 251 -28.48 32.66 9.82
CA ASP B 251 -27.28 32.07 10.42
C ASP B 251 -26.81 30.94 9.51
N LEU B 252 -25.66 31.16 8.87
CA LEU B 252 -25.11 30.16 7.95
C LEU B 252 -24.58 28.93 8.68
N THR B 253 -24.26 29.05 9.98
CA THR B 253 -23.76 27.91 10.73
C THR B 253 -24.80 26.82 10.91
N LYS B 254 -26.08 27.13 10.72
CA LYS B 254 -27.13 26.13 10.78
C LYS B 254 -27.30 25.38 9.47
N ASP B 255 -26.52 25.70 8.45
CA ASP B 255 -26.55 25.02 7.16
C ASP B 255 -25.15 24.49 6.88
N ASN B 256 -24.99 23.16 6.94
CA ASN B 256 -23.66 22.56 6.82
C ASN B 256 -23.09 22.76 5.43
N MET B 257 -23.84 22.35 4.39
CA MET B 257 -23.33 22.48 3.02
C MET B 257 -23.12 23.94 2.62
N ALA B 258 -23.80 24.88 3.28
CA ALA B 258 -23.52 26.28 3.02
C ALA B 258 -22.20 26.71 3.64
N LEU B 259 -21.90 26.21 4.85
CA LEU B 259 -20.62 26.53 5.47
C LEU B 259 -19.46 25.93 4.69
N GLN B 260 -19.67 24.78 4.05
CA GLN B 260 -18.63 24.21 3.21
C GLN B 260 -18.31 25.10 2.03
N ARG B 261 -19.34 25.70 1.41
CA ARG B 261 -19.09 26.66 0.34
C ARG B 261 -18.38 27.91 0.87
N VAL B 262 -18.84 28.41 2.01
CA VAL B 262 -18.24 29.61 2.59
C VAL B 262 -16.78 29.34 2.97
N ARG B 263 -16.51 28.16 3.52
CA ARG B 263 -15.14 27.82 3.90
C ARG B 263 -14.24 27.72 2.66
N GLU B 264 -14.76 27.10 1.60
CA GLU B 264 -14.05 27.00 0.33
C GLU B 264 -13.80 28.36 -0.33
N ALA B 265 -14.82 29.21 -0.32
CA ALA B 265 -14.69 30.54 -0.92
C ALA B 265 -13.79 31.45 -0.10
N ALA B 266 -13.74 31.25 1.22
CA ALA B 266 -12.87 32.07 2.06
C ALA B 266 -11.40 31.79 1.76
N GLU B 267 -11.05 30.52 1.55
CA GLU B 267 -9.67 30.18 1.21
C GLU B 267 -9.35 30.59 -0.22
N LYS B 268 -10.33 30.47 -1.12
CA LYS B 268 -10.13 30.96 -2.49
C LYS B 268 -9.95 32.47 -2.51
N ALA B 269 -10.67 33.19 -1.65
CA ALA B 269 -10.53 34.65 -1.60
C ALA B 269 -9.17 35.05 -1.04
N LYS B 270 -8.73 34.38 0.02
CA LYS B 270 -7.45 34.74 0.63
C LYS B 270 -6.30 34.55 -0.35
N CYS B 271 -6.33 33.49 -1.15
CA CYS B 271 -5.25 33.23 -2.08
C CYS B 271 -5.23 34.23 -3.23
N GLU B 272 -6.41 34.73 -3.64
CA GLU B 272 -6.43 35.75 -4.68
C GLU B 272 -5.91 37.08 -4.17
N LEU B 273 -6.13 37.39 -2.89
CA LEU B 273 -5.71 38.65 -2.31
C LEU B 273 -4.20 38.78 -2.21
N SER B 274 -3.44 37.72 -2.50
CA SER B 274 -1.99 37.78 -2.48
C SER B 274 -1.40 38.28 -3.80
N SER B 275 -2.21 38.33 -4.86
CA SER B 275 -1.79 38.90 -6.14
C SER B 275 -2.82 39.86 -6.72
N SER B 276 -3.94 40.08 -6.04
CA SER B 276 -4.99 40.96 -6.51
C SER B 276 -5.51 41.78 -5.33
N VAL B 277 -5.75 43.07 -5.56
CA VAL B 277 -6.20 43.95 -4.48
C VAL B 277 -7.68 43.86 -4.23
N GLN B 278 -8.44 43.17 -5.08
CA GLN B 278 -9.87 43.02 -4.90
C GLN B 278 -10.30 41.64 -5.37
N THR B 279 -11.26 41.05 -4.65
CA THR B 279 -11.81 39.76 -5.04
C THR B 279 -13.31 39.76 -4.75
N ASP B 280 -14.06 39.02 -5.56
CA ASP B 280 -15.50 38.89 -5.42
C ASP B 280 -15.86 37.52 -4.87
N ILE B 281 -16.83 37.49 -3.97
CA ILE B 281 -17.36 36.25 -3.40
C ILE B 281 -18.80 36.12 -3.89
N ASN B 282 -18.99 35.36 -4.97
CA ASN B 282 -20.31 35.17 -5.56
C ASN B 282 -20.71 33.71 -5.35
N LEU B 283 -21.54 33.47 -4.34
CA LEU B 283 -22.06 32.13 -4.10
C LEU B 283 -23.55 32.09 -4.38
N PRO B 284 -23.96 31.87 -5.63
CA PRO B 284 -25.39 31.87 -5.94
C PRO B 284 -26.10 30.70 -5.29
N TYR B 285 -27.27 30.99 -4.72
CA TYR B 285 -28.10 30.00 -4.04
C TYR B 285 -27.34 29.31 -2.90
N LEU B 286 -27.13 30.10 -1.85
CA LEU B 286 -26.36 29.62 -0.69
C LEU B 286 -27.27 28.93 0.32
N THR B 287 -28.16 29.69 0.93
CA THR B 287 -29.03 29.20 1.98
C THR B 287 -30.46 29.15 1.56
N MET B 288 -31.19 28.16 2.03
CA MET B 288 -32.54 27.90 1.55
C MET B 288 -33.53 27.79 2.69
N ASP B 289 -34.81 27.97 2.37
CA ASP B 289 -35.89 27.91 3.34
C ASP B 289 -36.04 29.23 4.07
N SER B 290 -35.27 30.22 3.62
CA SER B 290 -35.33 31.55 4.20
C SER B 290 -36.62 32.24 3.83
N SER B 291 -37.27 31.76 2.78
CA SER B 291 -38.53 32.34 2.36
C SER B 291 -38.37 33.84 2.21
N GLY B 292 -37.47 34.25 1.31
CA GLY B 292 -37.00 33.40 0.23
C GLY B 292 -35.49 33.26 0.06
N PRO B 293 -35.07 32.21 -0.65
CA PRO B 293 -33.68 31.77 -0.68
C PRO B 293 -32.80 32.97 -0.96
N LYS B 294 -31.71 33.11 -0.22
CA LYS B 294 -30.86 34.27 -0.36
C LYS B 294 -29.55 33.94 -1.05
N HIS B 295 -28.85 34.99 -1.48
CA HIS B 295 -27.59 34.88 -2.19
C HIS B 295 -26.52 35.68 -1.47
N LEU B 296 -25.26 35.40 -1.81
CA LEU B 296 -24.11 36.08 -1.21
C LEU B 296 -23.26 36.65 -2.33
N ASN B 297 -23.15 37.98 -2.36
CA ASN B 297 -22.29 38.68 -3.31
C ASN B 297 -21.52 39.74 -2.52
N MET B 298 -20.19 39.69 -2.60
CA MET B 298 -19.35 40.58 -1.80
C MET B 298 -18.12 40.97 -2.60
N LYS B 299 -17.69 42.22 -2.41
CA LYS B 299 -16.41 42.70 -2.90
C LYS B 299 -15.46 42.81 -1.72
N LEU B 300 -14.35 42.10 -1.78
CA LEU B 300 -13.38 42.04 -0.69
C LEU B 300 -12.05 42.60 -1.16
N THR B 301 -11.46 43.45 -0.35
CA THR B 301 -10.20 44.10 -0.67
C THR B 301 -9.08 43.54 0.19
N ARG B 302 -7.84 43.76 -0.26
CA ARG B 302 -6.69 43.32 0.51
C ARG B 302 -6.61 44.05 1.84
N ALA B 303 -6.99 45.34 1.86
CA ALA B 303 -6.98 46.10 3.09
C ALA B 303 -8.05 45.61 4.06
N GLN B 304 -9.25 45.34 3.55
CA GLN B 304 -10.30 44.79 4.41
C GLN B 304 -9.88 43.44 4.99
N PHE B 305 -9.19 42.62 4.19
CA PHE B 305 -8.76 41.32 4.66
C PHE B 305 -7.58 41.41 5.61
N GLU B 306 -6.62 42.28 5.30
CA GLU B 306 -5.45 42.42 6.18
C GLU B 306 -5.85 42.81 7.59
N GLY B 307 -6.96 43.53 7.75
CA GLY B 307 -7.43 43.88 9.08
C GLY B 307 -8.14 42.76 9.78
N ILE B 308 -8.81 41.87 9.04
CA ILE B 308 -9.48 40.74 9.66
C ILE B 308 -8.47 39.72 10.15
N VAL B 309 -7.32 39.62 9.49
CA VAL B 309 -6.31 38.64 9.85
C VAL B 309 -5.04 39.29 10.38
N THR B 310 -5.12 40.55 10.81
CA THR B 310 -3.94 41.20 11.38
C THR B 310 -3.60 40.63 12.76
N ASP B 311 -4.59 40.10 13.46
CA ASP B 311 -4.33 39.49 14.76
C ASP B 311 -3.49 38.23 14.60
N LEU B 312 -3.80 37.42 13.59
CA LEU B 312 -3.03 36.20 13.35
C LEU B 312 -1.64 36.54 12.83
N ILE B 313 -1.53 37.56 11.97
CA ILE B 313 -0.22 37.97 11.48
C ILE B 313 0.64 38.48 12.64
N ARG B 314 0.05 39.23 13.57
CA ARG B 314 0.81 39.76 14.69
C ARG B 314 1.27 38.66 15.64
N ARG B 315 0.53 37.56 15.72
CA ARG B 315 0.89 36.47 16.62
C ARG B 315 2.14 35.72 16.17
N THR B 316 2.69 36.04 15.01
CA THR B 316 3.91 35.41 14.54
C THR B 316 5.16 36.21 14.89
N ILE B 317 5.02 37.49 15.22
CA ILE B 317 6.19 38.33 15.47
C ILE B 317 6.84 37.97 16.80
N ALA B 318 6.05 37.52 17.78
CA ALA B 318 6.61 37.25 19.10
C ALA B 318 7.48 36.00 19.10
N PRO B 319 7.05 34.87 18.54
CA PRO B 319 7.88 33.66 18.61
C PRO B 319 9.18 33.76 17.84
N CYS B 320 9.26 34.65 16.84
CA CYS B 320 10.52 34.84 16.12
C CYS B 320 11.58 35.44 17.04
N GLN B 321 11.18 36.41 17.88
CA GLN B 321 12.14 37.06 18.76
C GLN B 321 12.59 36.11 19.86
N LYS B 322 11.65 35.38 20.46
CA LYS B 322 12.01 34.42 21.51
C LYS B 322 12.91 33.32 20.96
N ALA B 323 12.77 32.98 19.68
CA ALA B 323 13.71 32.05 19.07
C ALA B 323 15.08 32.66 18.90
N MET B 324 15.16 33.98 18.77
CA MET B 324 16.45 34.66 18.66
C MET B 324 17.13 34.82 20.02
N GLN B 325 16.39 34.73 21.12
CA GLN B 325 17.02 34.74 22.44
C GLN B 325 17.60 33.38 22.77
N ASP B 326 16.85 32.31 22.48
CA ASP B 326 17.37 30.96 22.67
C ASP B 326 18.53 30.67 21.73
N ALA B 327 18.70 31.46 20.67
CA ALA B 327 19.82 31.33 19.75
C ALA B 327 20.85 32.44 19.89
N GLU B 328 20.50 33.54 20.56
CA GLU B 328 21.42 34.66 20.81
C GLU B 328 21.95 35.24 19.50
N VAL B 329 21.02 35.69 18.67
CA VAL B 329 21.33 36.31 17.38
C VAL B 329 20.62 37.64 17.29
N SER B 330 21.01 38.44 16.29
CA SER B 330 20.47 39.77 16.08
C SER B 330 20.01 39.90 14.63
N LYS B 331 19.47 41.09 14.30
CA LYS B 331 18.96 41.32 12.95
C LYS B 331 20.09 41.32 11.93
N SER B 332 21.24 41.93 12.27
CA SER B 332 22.39 41.92 11.39
C SER B 332 23.10 40.57 11.34
N ASP B 333 22.74 39.65 12.24
CA ASP B 333 23.27 38.30 12.21
C ASP B 333 22.49 37.40 11.27
N ILE B 334 21.19 37.64 11.11
CA ILE B 334 20.37 36.89 10.17
C ILE B 334 20.75 37.32 8.75
N GLY B 335 21.61 36.54 8.11
CA GLY B 335 22.06 36.90 6.77
C GLY B 335 20.94 36.90 5.74
N GLU B 336 19.99 35.99 5.91
CA GLU B 336 18.84 35.89 5.03
C GLU B 336 17.65 35.29 5.76
N VAL B 337 16.45 35.62 5.29
CA VAL B 337 15.23 34.99 5.78
C VAL B 337 14.57 34.28 4.61
N ILE B 338 14.13 33.04 4.86
CA ILE B 338 13.48 32.23 3.84
C ILE B 338 12.03 31.99 4.26
N LEU B 339 11.17 31.82 3.26
CA LEU B 339 9.74 31.67 3.46
C LEU B 339 9.30 30.27 3.08
N VAL B 340 8.55 29.62 3.98
CA VAL B 340 7.96 28.32 3.72
C VAL B 340 6.49 28.36 4.13
N GLY B 341 5.68 27.57 3.43
CA GLY B 341 4.26 27.55 3.69
C GLY B 341 3.50 28.53 2.81
N GLY B 342 2.33 28.09 2.30
CA GLY B 342 1.56 28.89 1.39
C GLY B 342 1.07 30.21 1.96
N MET B 343 0.90 30.29 3.28
CA MET B 343 0.40 31.52 3.88
C MET B 343 1.39 32.67 3.77
N THR B 344 2.67 32.38 3.53
CA THR B 344 3.68 33.43 3.36
C THR B 344 3.60 34.08 1.99
N ARG B 345 2.68 33.65 1.13
CA ARG B 345 2.43 34.37 -0.11
C ARG B 345 1.70 35.69 0.13
N MET B 346 1.12 35.85 1.31
CA MET B 346 0.40 37.09 1.63
C MET B 346 1.39 38.24 1.75
N PRO B 347 1.17 39.36 1.04
CA PRO B 347 2.16 40.44 1.07
C PRO B 347 2.36 41.05 2.45
N LYS B 348 1.30 41.16 3.24
CA LYS B 348 1.47 41.73 4.58
C LYS B 348 2.28 40.80 5.47
N VAL B 349 2.14 39.48 5.28
CA VAL B 349 3.01 38.53 5.98
C VAL B 349 4.45 38.72 5.53
N GLN B 350 4.65 38.92 4.22
CA GLN B 350 5.98 39.21 3.70
C GLN B 350 6.53 40.49 4.32
N GLN B 351 5.70 41.53 4.41
CA GLN B 351 6.14 42.79 5.00
C GLN B 351 6.50 42.63 6.47
N THR B 352 5.80 41.73 7.18
CA THR B 352 6.10 41.52 8.59
C THR B 352 7.45 40.84 8.77
N VAL B 353 7.79 39.88 7.91
CA VAL B 353 9.09 39.23 7.98
C VAL B 353 10.20 40.25 7.73
N GLN B 354 9.93 41.26 6.90
CA GLN B 354 10.91 42.31 6.68
C GLN B 354 11.04 43.20 7.92
N ASP B 355 9.91 43.55 8.54
CA ASP B 355 9.93 44.35 9.76
C ASP B 355 10.39 43.56 10.98
N LEU B 356 10.53 42.24 10.87
CA LEU B 356 10.97 41.41 11.98
C LEU B 356 12.39 40.89 11.84
N PHE B 357 12.96 40.96 10.64
CA PHE B 357 14.32 40.49 10.41
C PHE B 357 15.18 41.48 9.65
N GLY B 358 14.62 42.61 9.21
CA GLY B 358 15.39 43.67 8.60
C GLY B 358 15.89 43.39 7.20
N ARG B 359 15.47 42.27 6.62
CA ARG B 359 15.92 41.88 5.28
C ARG B 359 14.75 41.45 4.39
N ALA B 360 14.92 41.61 3.08
CA ALA B 360 13.90 41.17 2.13
C ALA B 360 13.94 39.64 2.03
N PRO B 361 12.86 38.95 2.40
CA PRO B 361 12.90 37.48 2.36
C PRO B 361 13.06 36.96 0.94
N SER B 362 13.81 35.88 0.80
CA SER B 362 14.03 35.27 -0.50
C SER B 362 12.74 34.63 -1.00
N LYS B 363 12.11 35.26 -2.00
CA LYS B 363 10.88 34.76 -2.60
C LYS B 363 11.14 34.01 -3.89
N ALA B 364 12.25 33.27 -3.96
CA ALA B 364 12.65 32.60 -5.20
C ALA B 364 12.02 31.22 -5.37
N VAL B 365 11.58 30.58 -4.28
CA VAL B 365 11.05 29.23 -4.32
C VAL B 365 9.60 29.25 -3.87
N ASN B 366 8.77 28.42 -4.50
CA ASN B 366 7.39 28.24 -4.07
C ASN B 366 7.36 27.84 -2.60
N PRO B 367 6.78 28.65 -1.71
CA PRO B 367 6.85 28.33 -0.28
C PRO B 367 6.10 27.05 0.09
N ASP B 368 5.03 26.71 -0.61
CA ASP B 368 4.31 25.47 -0.35
C ASP B 368 4.94 24.25 -0.99
N GLU B 369 6.01 24.45 -1.77
CA GLU B 369 6.75 23.34 -2.36
C GLU B 369 8.20 23.27 -1.88
N ALA B 370 8.60 24.16 -0.97
CA ALA B 370 10.01 24.24 -0.58
C ALA B 370 10.44 23.01 0.21
N VAL B 371 9.56 22.50 1.08
CA VAL B 371 9.93 21.35 1.90
C VAL B 371 10.13 20.11 1.02
N ALA B 372 9.23 19.89 0.05
CA ALA B 372 9.34 18.71 -0.79
C ALA B 372 10.52 18.81 -1.76
N ILE B 373 10.79 20.01 -2.28
CA ILE B 373 11.93 20.20 -3.17
C ILE B 373 13.24 19.87 -2.46
N GLY B 374 13.35 20.27 -1.20
CA GLY B 374 14.53 19.93 -0.42
C GLY B 374 14.65 18.44 -0.14
N ALA B 375 13.50 17.75 -0.04
CA ALA B 375 13.54 16.29 0.11
C ALA B 375 14.00 15.62 -1.17
N ALA B 376 13.66 16.19 -2.33
CA ALA B 376 14.19 15.68 -3.58
C ALA B 376 15.68 16.00 -3.73
N ILE B 377 16.17 17.02 -3.02
CA ILE B 377 17.60 17.30 -3.01
C ILE B 377 18.35 16.20 -2.27
N GLN B 378 17.86 15.82 -1.09
CA GLN B 378 18.50 14.75 -0.33
C GLN B 378 18.43 13.41 -1.05
N GLY B 379 17.40 13.20 -1.87
CA GLY B 379 17.30 11.97 -2.63
C GLY B 379 18.40 11.83 -3.66
N GLY B 380 18.72 12.92 -4.36
CA GLY B 380 19.75 12.87 -5.38
C GLY B 380 21.10 12.46 -4.85
N VAL B 381 21.38 12.76 -3.58
CA VAL B 381 22.64 12.35 -2.98
C VAL B 381 22.68 10.85 -2.76
N LEU B 382 21.56 10.27 -2.31
CA LEU B 382 21.51 8.83 -2.06
C LEU B 382 21.61 8.02 -3.35
N ALA B 383 21.38 8.63 -4.50
CA ALA B 383 21.47 7.93 -5.78
C ALA B 383 22.90 7.51 -6.09
#